data_3GZ8
#
_entry.id   3GZ8
#
_cell.length_a   63.046
_cell.length_b   93.175
_cell.length_c   132.497
_cell.angle_alpha   90.00
_cell.angle_beta   90.00
_cell.angle_gamma   90.00
#
_symmetry.space_group_name_H-M   'P 21 21 21'
#
loop_
_entity.id
_entity.type
_entity.pdbx_description
1 polymer 'MutT/nudix family protein'
2 non-polymer ADENOSINE-5-DIPHOSPHORIBOSE
3 water water
#
_entity_poly.entity_id   1
_entity_poly.type   'polypeptide(L)'
_entity_poly.pdbx_seq_one_letter_code
;GSHMTEAEYLANYDPKAFKAQLLTVDAVLFTYHDQQLKVLLVQRSNHPFLGLWGLPGGFIDETCDESLEQTVLRKLAEKT
AVVPPYIEQLCTVGNNSRDARGWSVTVCYTALMSYQACQIQIASVSDVKWWPLADVLQMPLAFDHLQLIEQARERLTQKA
LY
;
_entity_poly.pdbx_strand_id   A,B,C,D
#
loop_
_chem_comp.id
_chem_comp.type
_chem_comp.name
_chem_comp.formula
APR non-polymer ADENOSINE-5-DIPHOSPHORIBOSE 'C15 H23 N5 O14 P2'
#
# COMPACT_ATOMS: atom_id res chain seq x y z
N MET A 4 8.78 -18.78 -24.53
CA MET A 4 9.00 -17.31 -24.32
C MET A 4 9.30 -17.02 -22.85
N THR A 5 10.29 -16.16 -22.57
CA THR A 5 10.61 -15.79 -21.18
C THR A 5 9.80 -14.60 -20.69
N GLU A 6 9.75 -14.48 -19.37
CA GLU A 6 9.23 -13.31 -18.66
C GLU A 6 9.66 -12.00 -19.35
N ALA A 7 10.96 -11.86 -19.56
CA ALA A 7 11.55 -10.62 -20.08
C ALA A 7 11.16 -10.32 -21.53
N GLU A 8 11.19 -11.34 -22.38
CA GLU A 8 10.82 -11.23 -23.79
C GLU A 8 9.34 -10.87 -23.91
N TYR A 9 8.50 -11.50 -23.08
CA TYR A 9 7.06 -11.18 -23.02
C TYR A 9 6.83 -9.71 -22.68
N LEU A 10 7.50 -9.21 -21.64
CA LEU A 10 7.35 -7.81 -21.25
C LEU A 10 7.91 -6.84 -22.30
N ALA A 11 8.96 -7.26 -23.00
CA ALA A 11 9.58 -6.43 -24.04
C ALA A 11 8.66 -6.35 -25.25
N ASN A 12 7.96 -7.44 -25.49
CA ASN A 12 7.05 -7.56 -26.61
C ASN A 12 5.63 -7.11 -26.29
N TYR A 13 5.26 -7.05 -25.01
CA TYR A 13 3.86 -6.76 -24.62
C TYR A 13 3.40 -5.43 -25.18
N ASP A 14 2.18 -5.44 -25.73
CA ASP A 14 1.56 -4.24 -26.28
C ASP A 14 0.08 -4.19 -25.88
N PRO A 15 -0.30 -3.20 -25.06
CA PRO A 15 -1.69 -3.06 -24.59
C PRO A 15 -2.62 -2.46 -25.62
N LYS A 16 -2.05 -1.75 -26.60
CA LYS A 16 -2.82 -1.15 -27.71
C LYS A 16 -3.44 -2.24 -28.60
N ALA A 17 -2.91 -3.46 -28.52
CA ALA A 17 -3.53 -4.64 -29.13
C ALA A 17 -4.92 -5.01 -28.59
N PHE A 18 -5.37 -4.31 -27.53
CA PHE A 18 -6.62 -4.64 -26.81
C PHE A 18 -7.51 -3.43 -26.56
N LYS A 19 -8.81 -3.63 -26.73
CA LYS A 19 -9.81 -2.61 -26.36
C LYS A 19 -9.69 -2.24 -24.85
N ALA A 20 -9.67 -0.95 -24.55
CA ALA A 20 -9.61 -0.49 -23.18
C ALA A 20 -10.90 0.23 -22.83
N GLN A 21 -11.13 0.41 -21.53
CA GLN A 21 -12.32 1.05 -21.02
C GLN A 21 -11.93 2.43 -20.51
N LEU A 22 -12.91 3.29 -20.21
CA LEU A 22 -12.60 4.58 -19.57
C LEU A 22 -12.36 4.36 -18.10
N LEU A 23 -11.36 5.04 -17.58
CA LEU A 23 -10.96 4.90 -16.19
C LEU A 23 -10.89 6.26 -15.57
N THR A 24 -11.67 6.46 -14.51
CA THR A 24 -11.76 7.77 -13.89
C THR A 24 -11.77 7.66 -12.38
N VAL A 25 -11.64 8.81 -11.73
CA VAL A 25 -11.86 8.93 -10.28
C VAL A 25 -12.91 10.00 -10.05
N ASP A 26 -13.58 9.95 -8.91
CA ASP A 26 -14.54 10.99 -8.52
C ASP A 26 -14.40 11.20 -7.03
N ALA A 27 -14.77 12.37 -6.54
CA ALA A 27 -14.70 12.60 -5.10
C ALA A 27 -15.99 13.22 -4.63
N VAL A 28 -16.49 12.72 -3.49
CA VAL A 28 -17.62 13.36 -2.80
C VAL A 28 -17.12 13.95 -1.50
N LEU A 29 -16.96 15.27 -1.47
CA LEU A 29 -16.49 15.93 -0.26
C LEU A 29 -17.60 16.63 0.49
N PHE A 30 -17.71 16.33 1.77
CA PHE A 30 -18.74 16.88 2.60
C PHE A 30 -18.17 17.88 3.60
N THR A 31 -18.96 18.89 3.94
CA THR A 31 -18.61 19.79 5.02
C THR A 31 -19.86 20.27 5.76
N TYR A 32 -19.68 20.70 7.00
CA TYR A 32 -20.68 21.50 7.71
C TYR A 32 -20.27 22.98 7.66
N HIS A 33 -21.07 23.79 6.99
CA HIS A 33 -20.78 25.20 6.79
C HIS A 33 -22.04 26.02 7.07
N ASP A 34 -21.99 26.89 8.09
CA ASP A 34 -23.15 27.67 8.54
C ASP A 34 -24.17 26.68 9.11
N GLN A 35 -23.68 25.74 9.91
CA GLN A 35 -24.47 24.63 10.48
C GLN A 35 -24.93 23.59 9.43
N GLN A 36 -24.79 23.92 8.14
CA GLN A 36 -25.36 23.13 7.04
C GLN A 36 -24.46 22.04 6.40
N LEU A 37 -25.01 20.84 6.19
CA LEU A 37 -24.33 19.81 5.40
C LEU A 37 -24.21 20.15 3.90
N LYS A 38 -23.00 20.36 3.44
CA LYS A 38 -22.80 20.71 2.05
C LYS A 38 -21.86 19.74 1.33
N VAL A 39 -22.06 19.63 0.00
CA VAL A 39 -21.25 18.80 -0.85
C VAL A 39 -20.66 19.69 -1.94
N LEU A 40 -19.41 19.41 -2.31
CA LEU A 40 -18.63 20.18 -3.29
C LEU A 40 -18.93 19.72 -4.71
N LEU A 41 -19.44 20.63 -5.52
CA LEU A 41 -19.77 20.35 -6.90
C LEU A 41 -19.09 21.37 -7.81
N VAL A 42 -18.76 20.93 -9.02
CA VAL A 42 -18.17 21.79 -10.03
C VAL A 42 -19.15 21.93 -11.20
N GLN A 43 -19.06 23.04 -11.92
CA GLN A 43 -19.89 23.16 -13.10
C GLN A 43 -19.06 22.79 -14.32
N ARG A 44 -19.55 21.86 -15.12
CA ARG A 44 -18.78 21.29 -16.26
C ARG A 44 -18.67 22.23 -17.48
N SER A 45 -17.46 22.39 -18.02
CA SER A 45 -17.36 23.04 -19.34
C SER A 45 -16.93 22.09 -20.44
N ASN A 46 -17.13 20.80 -20.21
CA ASN A 46 -16.86 19.80 -21.23
C ASN A 46 -18.07 18.89 -21.39
N HIS A 47 -18.21 18.34 -22.58
CA HIS A 47 -19.21 17.32 -22.81
C HIS A 47 -18.71 16.03 -22.17
N PRO A 48 -19.61 15.05 -21.93
CA PRO A 48 -21.07 15.14 -21.92
C PRO A 48 -21.51 15.96 -20.70
N PHE A 49 -22.81 16.23 -20.60
CA PHE A 49 -23.36 17.00 -19.50
C PHE A 49 -22.68 18.36 -19.39
N LEU A 50 -22.42 18.98 -20.52
CA LEU A 50 -21.86 20.32 -20.57
C LEU A 50 -22.85 21.26 -19.95
N GLY A 51 -22.36 22.07 -19.01
CA GLY A 51 -23.17 23.10 -18.35
C GLY A 51 -23.77 22.66 -17.02
N LEU A 52 -23.92 21.36 -16.84
CA LEU A 52 -24.41 20.74 -15.58
C LEU A 52 -23.41 20.70 -14.44
N TRP A 53 -23.95 20.71 -13.23
CA TRP A 53 -23.15 20.44 -12.07
C TRP A 53 -22.98 18.93 -11.90
N GLY A 54 -21.82 18.54 -11.38
CA GLY A 54 -21.53 17.17 -10.93
C GLY A 54 -20.30 17.20 -10.04
N LEU A 55 -19.77 16.00 -9.74
CA LEU A 55 -18.62 15.84 -8.83
C LEU A 55 -17.28 16.15 -9.49
N PRO A 56 -16.33 16.70 -8.72
CA PRO A 56 -14.98 16.89 -9.24
C PRO A 56 -14.34 15.53 -9.46
N GLY A 57 -14.05 15.19 -10.70
CA GLY A 57 -13.41 13.92 -11.03
C GLY A 57 -12.45 14.05 -12.21
N GLY A 58 -12.12 12.93 -12.85
CA GLY A 58 -11.23 13.00 -13.99
C GLY A 58 -10.42 11.77 -14.32
N PHE A 59 -9.56 11.93 -15.33
CA PHE A 59 -8.75 10.86 -15.86
C PHE A 59 -7.36 10.84 -15.26
N ILE A 60 -6.80 9.64 -15.23
CA ILE A 60 -5.45 9.43 -14.75
C ILE A 60 -4.46 10.11 -15.68
N ASP A 61 -3.45 10.76 -15.13
CA ASP A 61 -2.39 11.31 -15.97
C ASP A 61 -1.08 10.61 -15.60
N GLU A 62 -0.72 9.57 -16.36
CA GLU A 62 0.49 8.77 -16.05
C GLU A 62 1.80 9.59 -16.01
N THR A 63 1.75 10.79 -16.59
CA THR A 63 2.84 11.73 -16.63
C THR A 63 3.23 12.18 -15.22
N CYS A 64 2.25 12.23 -14.30
CA CYS A 64 2.56 12.53 -12.89
C CYS A 64 1.99 11.58 -11.83
N ASP A 65 0.81 11.03 -12.07
CA ASP A 65 0.12 10.18 -11.08
C ASP A 65 0.85 8.84 -10.78
N GLU A 66 1.32 8.70 -9.54
CA GLU A 66 1.84 7.42 -9.07
C GLU A 66 0.69 6.43 -8.78
N SER A 67 -0.41 6.98 -8.28
CA SER A 67 -1.53 6.16 -7.81
C SER A 67 -2.86 6.87 -7.99
N LEU A 68 -3.96 6.14 -7.87
CA LEU A 68 -5.30 6.72 -7.85
C LEU A 68 -5.50 7.82 -6.81
N GLU A 69 -4.95 7.62 -5.64
CA GLU A 69 -5.00 8.63 -4.59
C GLU A 69 -4.42 9.97 -5.11
N GLN A 70 -3.30 9.93 -5.84
CA GLN A 70 -2.73 11.16 -6.37
C GLN A 70 -3.71 11.76 -7.42
N THR A 71 -4.22 10.91 -8.31
CA THR A 71 -5.20 11.38 -9.29
C THR A 71 -6.35 12.17 -8.67
N VAL A 72 -7.00 11.58 -7.67
CA VAL A 72 -8.16 12.20 -7.06
C VAL A 72 -7.76 13.51 -6.35
N LEU A 73 -6.62 13.52 -5.67
CA LEU A 73 -6.22 14.72 -4.98
C LEU A 73 -5.92 15.88 -5.97
N ARG A 74 -5.37 15.49 -7.11
CA ARG A 74 -4.91 16.41 -8.12
C ARG A 74 -6.12 16.97 -8.87
N LYS A 75 -7.10 16.12 -9.16
CA LYS A 75 -8.34 16.57 -9.79
C LYS A 75 -9.05 17.54 -8.87
N LEU A 76 -9.07 17.24 -7.57
CA LEU A 76 -9.66 18.15 -6.62
C LEU A 76 -8.95 19.51 -6.56
N ALA A 77 -7.63 19.52 -6.56
CA ALA A 77 -6.90 20.80 -6.49
C ALA A 77 -7.05 21.59 -7.78
N GLU A 78 -7.04 20.88 -8.91
CA GLU A 78 -7.21 21.50 -10.20
C GLU A 78 -8.60 22.14 -10.33
N LYS A 79 -9.66 21.37 -10.11
CA LYS A 79 -11.00 21.88 -10.41
C LYS A 79 -11.61 22.71 -9.26
N THR A 80 -10.95 22.68 -8.11
CA THR A 80 -11.59 23.05 -6.86
C THR A 80 -10.74 23.96 -5.97
N ALA A 81 -9.41 23.83 -6.06
CA ALA A 81 -8.48 24.44 -5.09
C ALA A 81 -8.61 23.90 -3.66
N VAL A 82 -9.46 22.91 -3.49
CA VAL A 82 -9.74 22.33 -2.18
C VAL A 82 -8.88 21.10 -2.01
N VAL A 83 -8.21 21.01 -0.87
CA VAL A 83 -7.40 19.86 -0.53
C VAL A 83 -7.97 19.28 0.75
N PRO A 84 -8.61 18.10 0.69
CA PRO A 84 -9.20 17.52 1.90
C PRO A 84 -8.13 17.01 2.90
N PRO A 85 -8.49 16.93 4.18
CA PRO A 85 -7.59 16.47 5.23
C PRO A 85 -7.17 15.01 5.07
N TYR A 86 -7.97 14.25 4.34
CA TYR A 86 -7.70 12.84 4.05
C TYR A 86 -8.58 12.51 2.86
N ILE A 87 -8.40 11.33 2.28
CA ILE A 87 -9.30 10.87 1.21
C ILE A 87 -9.49 9.36 1.43
N GLU A 88 -10.73 8.89 1.40
CA GLU A 88 -10.97 7.45 1.53
C GLU A 88 -11.82 6.95 0.39
N GLN A 89 -11.50 5.73 -0.01
CA GLN A 89 -12.15 5.11 -1.12
C GLN A 89 -13.53 4.79 -0.69
N LEU A 90 -14.50 5.10 -1.55
CA LEU A 90 -15.91 4.89 -1.24
C LEU A 90 -16.44 3.63 -1.95
N CYS A 91 -16.40 3.62 -3.27
CA CYS A 91 -16.83 2.47 -4.05
C CYS A 91 -16.36 2.71 -5.48
N THR A 92 -16.32 1.61 -6.24
CA THR A 92 -15.96 1.61 -7.64
C THR A 92 -17.19 1.18 -8.44
N VAL A 93 -17.64 2.04 -9.33
CA VAL A 93 -18.77 1.73 -10.19
C VAL A 93 -18.26 1.51 -11.62
N GLY A 94 -18.59 0.37 -12.21
CA GLY A 94 -18.12 0.01 -13.53
C GLY A 94 -19.14 -0.71 -14.35
N ASN A 95 -19.61 -0.08 -15.41
CA ASN A 95 -20.58 -0.72 -16.30
C ASN A 95 -20.61 -0.05 -17.68
N ASN A 96 -21.53 -0.52 -18.53
CA ASN A 96 -21.64 -0.02 -19.91
C ASN A 96 -22.62 1.13 -20.17
N SER A 97 -23.36 1.53 -19.13
CA SER A 97 -24.39 2.57 -19.25
C SER A 97 -24.10 3.93 -18.57
N ARG A 98 -23.22 3.97 -17.58
CA ARG A 98 -23.09 5.20 -16.79
C ARG A 98 -22.47 6.38 -17.57
N ASP A 99 -21.68 6.05 -18.61
CA ASP A 99 -20.96 7.04 -19.41
C ASP A 99 -21.15 6.74 -20.89
N ALA A 100 -21.88 7.61 -21.58
CA ALA A 100 -22.15 7.43 -23.03
C ALA A 100 -20.89 7.24 -23.88
N ARG A 101 -19.76 7.81 -23.44
CA ARG A 101 -18.47 7.66 -24.12
C ARG A 101 -17.96 6.23 -24.24
N GLY A 102 -18.57 5.30 -23.49
CA GLY A 102 -18.17 3.88 -23.59
C GLY A 102 -18.19 3.18 -22.23
N TRP A 103 -17.90 1.88 -22.26
CA TRP A 103 -17.67 1.08 -21.05
C TRP A 103 -16.77 1.86 -20.07
N SER A 104 -17.20 1.98 -18.83
CA SER A 104 -16.62 2.99 -17.97
C SER A 104 -16.44 2.51 -16.54
N VAL A 105 -15.28 2.81 -15.95
CA VAL A 105 -15.02 2.52 -14.56
C VAL A 105 -14.66 3.81 -13.80
N THR A 106 -15.36 4.09 -12.72
CA THR A 106 -14.93 5.21 -11.87
C THR A 106 -14.69 4.74 -10.44
N VAL A 107 -13.62 5.25 -9.87
CA VAL A 107 -13.26 4.94 -8.49
C VAL A 107 -13.66 6.15 -7.66
N CYS A 108 -14.69 6.02 -6.84
CA CYS A 108 -15.15 7.18 -6.07
C CYS A 108 -14.52 7.23 -4.69
N TYR A 109 -14.16 8.44 -4.27
CA TYR A 109 -13.62 8.69 -2.97
C TYR A 109 -14.52 9.65 -2.20
N THR A 110 -14.30 9.77 -0.89
CA THR A 110 -15.13 10.61 -0.09
C THR A 110 -14.36 11.17 1.09
N ALA A 111 -14.73 12.36 1.54
CA ALA A 111 -14.24 12.80 2.83
C ALA A 111 -15.28 13.70 3.47
N LEU A 112 -15.23 13.74 4.80
CA LEU A 112 -15.92 14.76 5.58
C LEU A 112 -14.86 15.69 6.12
N MET A 113 -15.06 17.01 6.00
CA MET A 113 -14.00 17.97 6.32
C MET A 113 -14.53 19.35 6.72
N SER A 114 -13.63 20.22 7.20
CA SER A 114 -13.99 21.60 7.50
C SER A 114 -14.04 22.39 6.21
N TYR A 115 -14.87 23.42 6.20
CA TYR A 115 -15.08 24.26 5.03
C TYR A 115 -13.77 24.92 4.53
N GLN A 116 -13.58 24.92 3.24
CA GLN A 116 -12.48 25.63 2.64
C GLN A 116 -13.10 26.36 1.47
N ALA A 117 -12.73 27.61 1.28
CA ALA A 117 -13.23 28.33 0.13
C ALA A 117 -12.72 27.64 -1.14
N CYS A 118 -13.55 27.57 -2.18
CA CYS A 118 -13.14 26.92 -3.42
C CYS A 118 -13.06 27.88 -4.61
N GLN A 119 -12.16 27.59 -5.53
CA GLN A 119 -11.96 28.39 -6.73
C GLN A 119 -11.64 27.43 -7.85
N ILE A 120 -12.18 27.65 -9.04
CA ILE A 120 -11.75 26.84 -10.19
C ILE A 120 -10.33 27.20 -10.63
N GLN A 121 -9.57 26.19 -11.06
CA GLN A 121 -8.16 26.37 -11.39
C GLN A 121 -7.75 25.66 -12.67
N ILE A 122 -8.74 25.23 -13.43
CA ILE A 122 -8.50 24.55 -14.69
C ILE A 122 -9.70 24.82 -15.58
N ALA A 123 -9.47 24.79 -16.89
CA ALA A 123 -10.43 25.24 -17.88
C ALA A 123 -11.60 24.27 -18.04
N SER A 124 -11.45 23.04 -17.55
CA SER A 124 -12.47 21.97 -17.74
C SER A 124 -13.75 22.19 -16.93
N VAL A 125 -13.72 23.16 -16.03
CA VAL A 125 -14.89 23.56 -15.24
C VAL A 125 -15.09 25.08 -15.24
N SER A 126 -16.30 25.57 -15.04
CA SER A 126 -16.52 27.02 -15.07
C SER A 126 -16.98 27.61 -13.74
N ASP A 127 -17.34 26.74 -12.80
CA ASP A 127 -17.76 27.18 -11.47
C ASP A 127 -17.54 26.02 -10.50
N VAL A 128 -17.52 26.36 -9.21
CA VAL A 128 -17.39 25.39 -8.14
C VAL A 128 -18.12 26.00 -6.94
N LYS A 129 -18.84 25.16 -6.21
CA LYS A 129 -19.56 25.63 -5.04
C LYS A 129 -19.89 24.49 -4.08
N TRP A 130 -19.85 24.77 -2.79
CA TRP A 130 -20.45 23.89 -1.79
C TRP A 130 -21.96 24.13 -1.78
N TRP A 131 -22.71 23.14 -2.25
CA TRP A 131 -24.16 23.14 -2.25
C TRP A 131 -24.71 22.41 -1.04
N PRO A 132 -25.74 22.98 -0.39
CA PRO A 132 -26.48 22.26 0.67
C PRO A 132 -27.02 20.94 0.11
N LEU A 133 -26.92 19.86 0.87
CA LEU A 133 -27.23 18.53 0.31
C LEU A 133 -28.64 18.42 -0.23
N ALA A 134 -29.61 18.97 0.51
CA ALA A 134 -31.01 18.86 0.10
C ALA A 134 -31.21 19.39 -1.32
N ASP A 135 -30.59 20.52 -1.65
CA ASP A 135 -30.67 21.09 -3.02
C ASP A 135 -30.11 20.15 -4.07
N VAL A 136 -29.09 19.37 -3.69
CA VAL A 136 -28.39 18.50 -4.65
C VAL A 136 -29.24 17.34 -5.13
N LEU A 137 -30.04 16.78 -4.21
CA LEU A 137 -30.87 15.61 -4.53
C LEU A 137 -31.97 15.85 -5.59
N GLN A 138 -32.37 17.11 -5.75
CA GLN A 138 -33.38 17.50 -6.73
C GLN A 138 -32.80 18.33 -7.87
N MET A 139 -31.49 18.23 -8.07
CA MET A 139 -30.78 18.84 -9.21
C MET A 139 -30.52 17.78 -10.29
N PRO A 140 -30.48 18.20 -11.56
CA PRO A 140 -29.96 17.24 -12.53
C PRO A 140 -28.43 17.24 -12.48
N LEU A 141 -27.82 16.11 -12.15
CA LEU A 141 -26.36 16.03 -12.04
C LEU A 141 -25.78 15.12 -13.12
N ALA A 142 -24.53 15.37 -13.45
CA ALA A 142 -23.84 14.65 -14.51
C ALA A 142 -23.75 13.18 -14.18
N PHE A 143 -23.71 12.35 -15.23
CA PHE A 143 -23.58 10.91 -15.12
C PHE A 143 -24.45 10.40 -13.98
N ASP A 144 -23.89 9.48 -13.19
CA ASP A 144 -24.58 8.87 -12.06
C ASP A 144 -24.14 9.49 -10.76
N HIS A 145 -23.74 10.76 -10.80
CA HIS A 145 -23.14 11.41 -9.64
C HIS A 145 -24.13 11.59 -8.50
N LEU A 146 -25.43 11.52 -8.79
CA LEU A 146 -26.43 11.53 -7.73
C LEU A 146 -26.33 10.23 -6.92
N GLN A 147 -26.16 9.09 -7.59
CA GLN A 147 -25.99 7.81 -6.86
C GLN A 147 -24.76 7.76 -5.97
N LEU A 148 -23.63 8.24 -6.49
CA LEU A 148 -22.37 8.25 -5.76
C LEU A 148 -22.47 9.10 -4.50
N ILE A 149 -23.03 10.30 -4.66
CA ILE A 149 -23.42 11.16 -3.54
C ILE A 149 -24.36 10.47 -2.51
N GLU A 150 -25.41 9.80 -3.00
CA GLU A 150 -26.31 9.05 -2.13
C GLU A 150 -25.53 8.00 -1.38
N GLN A 151 -24.69 7.23 -2.08
CA GLN A 151 -23.79 6.29 -1.43
C GLN A 151 -22.88 6.95 -0.41
N ALA A 152 -22.32 8.11 -0.75
CA ALA A 152 -21.40 8.78 0.16
C ALA A 152 -22.11 9.25 1.45
N ARG A 153 -23.39 9.64 1.33
CA ARG A 153 -24.19 10.09 2.46
C ARG A 153 -24.52 8.93 3.41
N GLU A 154 -24.72 7.74 2.88
CA GLU A 154 -24.92 6.57 3.71
C GLU A 154 -23.65 6.27 4.53
N ARG A 155 -22.49 6.49 3.93
CA ARG A 155 -21.21 6.32 4.62
C ARG A 155 -21.03 7.29 5.78
N LEU A 156 -21.65 8.48 5.69
CA LEU A 156 -21.62 9.46 6.80
C LEU A 156 -22.32 8.92 8.03
N THR A 157 -23.47 8.28 7.81
CA THR A 157 -24.34 7.74 8.86
C THR A 157 -23.75 6.51 9.58
N MET B 4 -19.91 22.56 -30.94
CA MET B 4 -20.32 21.11 -30.96
C MET B 4 -21.47 20.74 -29.99
N THR B 5 -22.46 19.97 -30.47
CA THR B 5 -23.55 19.52 -29.58
C THR B 5 -23.12 18.23 -28.91
N GLU B 6 -23.83 17.89 -27.84
CA GLU B 6 -23.53 16.64 -27.16
C GLU B 6 -23.63 15.40 -28.05
N ALA B 7 -24.71 15.29 -28.82
CA ALA B 7 -24.87 14.16 -29.73
C ALA B 7 -23.68 14.06 -30.67
N GLU B 8 -23.19 15.21 -31.15
CA GLU B 8 -22.06 15.26 -32.06
C GLU B 8 -20.77 14.87 -31.36
N TYR B 9 -20.58 15.39 -30.15
CA TYR B 9 -19.40 15.08 -29.33
C TYR B 9 -19.28 13.57 -29.15
N LEU B 10 -20.40 12.94 -28.81
CA LEU B 10 -20.46 11.49 -28.65
C LEU B 10 -20.12 10.71 -29.92
N ALA B 11 -20.52 11.24 -31.07
CA ALA B 11 -20.35 10.54 -32.36
C ALA B 11 -18.90 10.61 -32.82
N ASN B 12 -18.26 11.74 -32.52
CA ASN B 12 -16.87 11.96 -32.88
C ASN B 12 -15.87 11.48 -31.82
N TYR B 13 -16.36 10.95 -30.71
CA TYR B 13 -15.46 10.57 -29.61
C TYR B 13 -14.56 9.39 -29.97
N ASP B 14 -13.26 9.55 -29.79
CA ASP B 14 -12.31 8.47 -30.03
C ASP B 14 -11.30 8.34 -28.87
N PRO B 15 -11.35 7.20 -28.15
CA PRO B 15 -10.46 7.00 -27.00
C PRO B 15 -8.98 6.84 -27.36
N LYS B 16 -8.68 6.41 -28.58
CA LYS B 16 -7.28 6.22 -28.94
C LYS B 16 -6.56 7.55 -29.13
N ALA B 17 -7.28 8.66 -28.95
CA ALA B 17 -6.64 9.96 -28.80
C ALA B 17 -5.85 10.01 -27.49
N PHE B 18 -6.15 9.08 -26.58
CA PHE B 18 -5.64 9.16 -25.21
C PHE B 18 -5.03 7.86 -24.75
N LYS B 19 -3.98 7.96 -23.94
CA LYS B 19 -3.40 6.76 -23.33
C LYS B 19 -4.38 6.12 -22.35
N ALA B 20 -4.51 4.79 -22.45
CA ALA B 20 -5.32 4.04 -21.53
C ALA B 20 -4.48 3.19 -20.54
N GLN B 21 -5.10 2.85 -19.41
CA GLN B 21 -4.47 2.07 -18.37
C GLN B 21 -5.03 0.66 -18.41
N LEU B 22 -4.32 -0.28 -17.79
CA LEU B 22 -4.80 -1.64 -17.62
C LEU B 22 -5.84 -1.69 -16.52
N LEU B 23 -6.88 -2.48 -16.78
CA LEU B 23 -8.02 -2.57 -15.90
C LEU B 23 -8.40 -4.02 -15.73
N THR B 24 -8.51 -4.47 -14.48
CA THR B 24 -8.74 -5.89 -14.23
C THR B 24 -9.63 -6.02 -13.02
N VAL B 25 -10.13 -7.24 -12.80
CA VAL B 25 -10.79 -7.58 -11.57
C VAL B 25 -10.01 -8.71 -10.87
N ASP B 26 -10.32 -8.96 -9.62
CA ASP B 26 -9.70 -10.07 -8.84
C ASP B 26 -10.73 -10.48 -7.82
N ALA B 27 -10.69 -11.72 -7.37
CA ALA B 27 -11.60 -12.09 -6.29
C ALA B 27 -10.89 -12.92 -5.24
N VAL B 28 -11.16 -12.56 -3.98
CA VAL B 28 -10.71 -13.33 -2.83
C VAL B 28 -11.95 -14.04 -2.27
N LEU B 29 -12.07 -15.32 -2.57
CA LEU B 29 -13.17 -16.11 -2.03
C LEU B 29 -12.60 -16.95 -0.92
N PHE B 30 -13.25 -16.90 0.24
CA PHE B 30 -12.83 -17.67 1.39
C PHE B 30 -13.92 -18.70 1.60
N THR B 31 -13.53 -19.81 2.22
CA THR B 31 -14.46 -20.81 2.68
C THR B 31 -13.90 -21.32 3.98
N TYR B 32 -14.76 -21.94 4.78
CA TYR B 32 -14.33 -22.70 5.97
C TYR B 32 -14.62 -24.18 5.66
N HIS B 33 -13.58 -24.99 5.75
CA HIS B 33 -13.60 -26.35 5.19
C HIS B 33 -12.53 -27.17 5.86
N ASP B 34 -12.89 -28.33 6.40
CA ASP B 34 -11.93 -29.15 7.16
C ASP B 34 -11.29 -28.33 8.30
N GLN B 35 -12.13 -27.55 8.98
CA GLN B 35 -11.78 -26.71 10.14
C GLN B 35 -10.73 -25.63 9.88
N GLN B 36 -10.63 -25.20 8.62
CA GLN B 36 -9.58 -24.28 8.19
C GLN B 36 -10.18 -23.20 7.31
N LEU B 37 -9.75 -21.95 7.55
CA LEU B 37 -10.03 -20.89 6.56
C LEU B 37 -9.18 -21.22 5.34
N LYS B 38 -9.82 -21.25 4.17
CA LYS B 38 -9.08 -21.43 2.92
C LYS B 38 -9.45 -20.33 1.91
N VAL B 39 -8.54 -20.06 0.99
CA VAL B 39 -8.76 -19.08 -0.06
C VAL B 39 -8.58 -19.80 -1.41
N LEU B 40 -9.42 -19.45 -2.37
CA LEU B 40 -9.40 -20.04 -3.70
C LEU B 40 -8.30 -19.43 -4.58
N LEU B 41 -7.30 -20.22 -4.96
CA LEU B 41 -6.22 -19.75 -5.82
C LEU B 41 -6.14 -20.50 -7.14
N VAL B 42 -5.49 -19.88 -8.11
CA VAL B 42 -5.22 -20.53 -9.36
C VAL B 42 -3.74 -20.47 -9.65
N GLN B 43 -3.26 -21.49 -10.37
CA GLN B 43 -1.86 -21.55 -10.81
C GLN B 43 -1.79 -20.99 -12.24
N ARG B 44 -1.05 -19.89 -12.42
CA ARG B 44 -1.09 -19.15 -13.68
C ARG B 44 -0.37 -19.87 -14.82
N SER B 45 -0.95 -19.87 -16.00
CA SER B 45 -0.15 -20.29 -17.14
C SER B 45 0.15 -19.17 -18.15
N ASN B 46 0.00 -17.92 -17.73
CA ASN B 46 0.43 -16.80 -18.54
C ASN B 46 1.47 -15.96 -17.83
N HIS B 47 2.29 -15.26 -18.57
CA HIS B 47 3.19 -14.29 -18.00
C HIS B 47 2.35 -13.08 -17.52
N PRO B 48 2.89 -12.30 -16.56
CA PRO B 48 4.04 -12.58 -15.73
C PRO B 48 3.65 -13.49 -14.57
N PHE B 49 4.64 -13.81 -13.73
CA PHE B 49 4.44 -14.74 -12.62
C PHE B 49 3.86 -16.07 -13.13
N LEU B 50 4.40 -16.54 -14.26
CA LEU B 50 3.99 -17.83 -14.83
C LEU B 50 4.42 -18.95 -13.90
N GLY B 51 3.48 -19.88 -13.66
CA GLY B 51 3.72 -20.99 -12.73
C GLY B 51 3.46 -20.69 -11.25
N LEU B 52 3.20 -19.41 -10.93
CA LEU B 52 2.90 -19.02 -9.56
C LEU B 52 1.40 -19.02 -9.31
N TRP B 53 1.04 -19.19 -8.04
CA TRP B 53 -0.35 -19.15 -7.64
C TRP B 53 -0.80 -17.70 -7.46
N GLY B 54 -2.06 -17.43 -7.77
CA GLY B 54 -2.63 -16.12 -7.58
C GLY B 54 -4.14 -16.20 -7.48
N LEU B 55 -4.76 -15.03 -7.39
CA LEU B 55 -6.20 -14.92 -7.32
C LEU B 55 -6.81 -15.14 -8.72
N PRO B 56 -8.09 -15.56 -8.78
CA PRO B 56 -8.70 -15.60 -10.09
C PRO B 56 -9.19 -14.23 -10.46
N GLY B 57 -8.71 -13.70 -11.56
CA GLY B 57 -9.06 -12.34 -11.95
C GLY B 57 -8.90 -12.25 -13.44
N GLY B 58 -8.90 -11.04 -13.97
CA GLY B 58 -8.70 -10.89 -15.39
C GLY B 58 -9.33 -9.64 -15.94
N PHE B 59 -9.37 -9.60 -17.28
CA PHE B 59 -9.70 -8.38 -18.01
C PHE B 59 -11.17 -8.36 -18.36
N ILE B 60 -11.73 -7.16 -18.52
CA ILE B 60 -13.11 -7.05 -18.93
C ILE B 60 -13.31 -7.53 -20.38
N ASP B 61 -14.41 -8.24 -20.62
CA ASP B 61 -14.87 -8.53 -21.97
C ASP B 61 -16.13 -7.74 -22.23
N GLU B 62 -16.02 -6.66 -22.99
CA GLU B 62 -17.17 -5.78 -23.23
C GLU B 62 -18.31 -6.54 -23.93
N THR B 63 -17.95 -7.69 -24.50
CA THR B 63 -18.81 -8.51 -25.33
C THR B 63 -19.91 -9.17 -24.51
N CYS B 64 -19.56 -9.75 -23.36
CA CYS B 64 -20.53 -10.38 -22.47
C CYS B 64 -20.73 -9.74 -21.09
N ASP B 65 -19.79 -8.88 -20.65
CA ASP B 65 -19.85 -8.20 -19.34
C ASP B 65 -20.53 -6.81 -19.42
N GLU B 66 -21.66 -6.67 -18.75
CA GLU B 66 -22.35 -5.37 -18.64
C GLU B 66 -21.80 -4.58 -17.48
N SER B 67 -21.14 -5.30 -16.56
CA SER B 67 -20.69 -4.70 -15.31
C SER B 67 -19.45 -5.41 -14.74
N LEU B 68 -18.77 -4.73 -13.84
CA LEU B 68 -17.63 -5.31 -13.14
C LEU B 68 -18.02 -6.61 -12.43
N GLU B 69 -19.17 -6.59 -11.76
CA GLU B 69 -19.69 -7.79 -11.11
C GLU B 69 -19.76 -8.97 -12.11
N GLN B 70 -20.33 -8.72 -13.30
CA GLN B 70 -20.40 -9.76 -14.35
C GLN B 70 -19.02 -10.23 -14.79
N THR B 71 -18.10 -9.29 -14.99
CA THR B 71 -16.70 -9.63 -15.28
C THR B 71 -16.10 -10.58 -14.26
N VAL B 72 -16.16 -10.21 -12.97
CA VAL B 72 -15.56 -11.05 -11.92
C VAL B 72 -16.20 -12.46 -11.81
N LEU B 73 -17.54 -12.50 -11.93
CA LEU B 73 -18.28 -13.77 -11.94
C LEU B 73 -17.84 -14.69 -13.09
N ARG B 74 -17.71 -14.12 -14.28
CA ARG B 74 -17.20 -14.85 -15.43
C ARG B 74 -15.75 -15.32 -15.23
N LYS B 75 -14.86 -14.44 -14.76
CA LYS B 75 -13.48 -14.88 -14.56
C LYS B 75 -13.41 -16.06 -13.62
N LEU B 76 -14.24 -16.03 -12.59
CA LEU B 76 -14.31 -17.11 -11.61
C LEU B 76 -14.86 -18.40 -12.22
N ALA B 77 -15.95 -18.29 -12.99
CA ALA B 77 -16.45 -19.47 -13.71
C ALA B 77 -15.36 -20.07 -14.61
N GLU B 78 -14.73 -19.24 -15.44
CA GLU B 78 -13.73 -19.76 -16.37
C GLU B 78 -12.56 -20.40 -15.64
N LYS B 79 -12.01 -19.71 -14.64
CA LYS B 79 -10.75 -20.20 -14.08
C LYS B 79 -10.94 -21.25 -12.97
N THR B 80 -12.17 -21.41 -12.52
CA THR B 80 -12.42 -21.94 -11.20
C THR B 80 -13.63 -22.88 -11.14
N ALA B 81 -14.59 -22.62 -12.03
CA ALA B 81 -15.94 -23.23 -11.96
C ALA B 81 -16.78 -22.83 -10.75
N VAL B 82 -16.22 -22.06 -9.81
CA VAL B 82 -16.96 -21.62 -8.63
C VAL B 82 -17.91 -20.49 -8.95
N VAL B 83 -19.13 -20.57 -8.42
CA VAL B 83 -20.17 -19.55 -8.58
C VAL B 83 -20.58 -19.11 -7.18
N PRO B 84 -19.97 -18.03 -6.68
CA PRO B 84 -20.26 -17.67 -5.31
C PRO B 84 -21.69 -17.19 -5.21
N PRO B 85 -22.36 -17.50 -4.09
CA PRO B 85 -23.76 -17.18 -3.89
C PRO B 85 -23.97 -15.68 -3.72
N TYR B 86 -22.89 -14.96 -3.45
CA TYR B 86 -22.96 -13.50 -3.41
C TYR B 86 -21.55 -12.98 -3.56
N ILE B 87 -21.43 -11.68 -3.84
CA ILE B 87 -20.12 -11.07 -4.00
C ILE B 87 -20.12 -9.62 -3.51
N GLU B 88 -19.04 -9.22 -2.82
CA GLU B 88 -18.84 -7.85 -2.36
C GLU B 88 -17.55 -7.26 -2.91
N GLN B 89 -17.60 -5.96 -3.19
CA GLN B 89 -16.43 -5.17 -3.48
C GLN B 89 -15.59 -4.99 -2.21
N LEU B 90 -14.30 -5.21 -2.33
CA LEU B 90 -13.38 -5.15 -1.21
C LEU B 90 -12.63 -3.82 -1.28
N CYS B 91 -11.95 -3.59 -2.40
CA CYS B 91 -11.30 -2.33 -2.65
C CYS B 91 -10.76 -2.24 -4.07
N THR B 92 -10.22 -1.08 -4.41
CA THR B 92 -9.58 -0.89 -5.69
C THR B 92 -8.14 -0.44 -5.47
N VAL B 93 -7.22 -1.06 -6.22
CA VAL B 93 -5.81 -0.69 -6.18
C VAL B 93 -5.35 -0.28 -7.56
N GLY B 94 -4.73 0.90 -7.63
CA GLY B 94 -4.33 1.49 -8.90
C GLY B 94 -3.03 2.24 -8.73
N ASN B 95 -1.99 1.78 -9.40
CA ASN B 95 -0.70 2.46 -9.30
C ASN B 95 0.21 2.03 -10.42
N ASN B 96 1.38 2.65 -10.47
CA ASN B 96 2.35 2.41 -11.51
C ASN B 96 3.35 1.30 -11.20
N SER B 97 3.18 0.57 -10.11
CA SER B 97 4.19 -0.43 -9.66
C SER B 97 3.69 -1.87 -9.59
N ARG B 98 2.39 -2.07 -9.40
CA ARG B 98 1.84 -3.39 -9.07
C ARG B 98 1.86 -4.42 -10.22
N ASP B 99 1.88 -3.93 -11.45
CA ASP B 99 1.85 -4.79 -12.63
C ASP B 99 2.92 -4.30 -13.58
N ALA B 100 3.88 -5.16 -13.89
CA ALA B 100 5.01 -4.72 -14.72
C ALA B 100 4.58 -4.40 -16.15
N ARG B 101 3.40 -4.86 -16.56
CA ARG B 101 2.91 -4.47 -17.87
C ARG B 101 2.54 -2.98 -18.04
N GLY B 102 2.37 -2.26 -16.96
CA GLY B 102 1.99 -0.85 -17.07
C GLY B 102 1.12 -0.37 -15.91
N TRP B 103 0.88 0.94 -15.89
CA TRP B 103 -0.01 1.56 -14.93
C TRP B 103 -1.28 0.72 -14.92
N SER B 104 -1.78 0.40 -13.72
CA SER B 104 -2.73 -0.69 -13.55
C SER B 104 -3.72 -0.43 -12.41
N VAL B 105 -4.98 -0.73 -12.67
CA VAL B 105 -6.02 -0.65 -11.68
C VAL B 105 -6.66 -2.03 -11.62
N THR B 106 -6.74 -2.61 -10.41
CA THR B 106 -7.60 -3.77 -10.21
C THR B 106 -8.71 -3.53 -9.20
N VAL B 107 -9.85 -4.15 -9.47
CA VAL B 107 -11.04 -4.00 -8.65
C VAL B 107 -11.25 -5.37 -7.98
N CYS B 108 -10.98 -5.41 -6.70
CA CYS B 108 -10.96 -6.67 -6.01
C CYS B 108 -12.26 -6.86 -5.26
N TYR B 109 -12.81 -8.08 -5.37
CA TYR B 109 -14.03 -8.49 -4.69
C TYR B 109 -13.71 -9.62 -3.74
N THR B 110 -14.67 -9.92 -2.88
CA THR B 110 -14.48 -10.93 -1.87
C THR B 110 -15.80 -11.54 -1.40
N ALA B 111 -15.71 -12.73 -0.83
CA ALA B 111 -16.87 -13.41 -0.22
C ALA B 111 -16.43 -14.55 0.66
N LEU B 112 -17.15 -14.71 1.77
CA LEU B 112 -17.07 -15.92 2.58
C LEU B 112 -18.29 -16.81 2.23
N MET B 113 -17.97 -18.04 1.83
CA MET B 113 -18.98 -19.00 1.29
C MET B 113 -18.66 -20.44 1.68
N SER B 114 -19.69 -21.29 1.81
CA SER B 114 -19.42 -22.73 1.94
C SER B 114 -18.76 -23.24 0.67
N TYR B 115 -17.98 -24.29 0.84
CA TYR B 115 -17.20 -24.92 -0.20
C TYR B 115 -17.99 -25.27 -1.49
N GLN B 116 -17.27 -25.21 -2.60
CA GLN B 116 -17.71 -25.66 -3.89
C GLN B 116 -16.45 -26.26 -4.50
N ALA B 117 -16.60 -27.43 -5.10
CA ALA B 117 -15.54 -28.07 -5.89
C ALA B 117 -15.12 -27.09 -6.98
N CYS B 118 -13.83 -27.04 -7.25
CA CYS B 118 -13.30 -26.14 -8.25
C CYS B 118 -12.50 -26.93 -9.31
N GLN B 119 -12.66 -26.55 -10.57
CA GLN B 119 -11.85 -27.07 -11.66
C GLN B 119 -11.57 -25.98 -12.69
N ILE B 120 -10.42 -26.06 -13.35
CA ILE B 120 -10.07 -25.15 -14.44
C ILE B 120 -10.90 -25.35 -15.70
N GLN B 121 -11.30 -24.25 -16.33
CA GLN B 121 -12.15 -24.27 -17.52
C GLN B 121 -11.73 -23.25 -18.58
N ILE B 122 -10.42 -22.97 -18.64
CA ILE B 122 -9.87 -21.97 -19.55
C ILE B 122 -8.37 -22.17 -19.47
N ALA B 123 -7.63 -21.85 -20.52
CA ALA B 123 -6.21 -22.27 -20.62
C ALA B 123 -5.21 -21.29 -20.02
N SER B 124 -5.71 -20.14 -19.56
CA SER B 124 -4.88 -19.18 -18.85
C SER B 124 -4.53 -19.68 -17.45
N VAL B 125 -5.07 -20.84 -17.07
CA VAL B 125 -4.80 -21.44 -15.77
C VAL B 125 -4.45 -22.91 -15.90
N SER B 126 -3.64 -23.47 -14.97
CA SER B 126 -3.26 -24.88 -15.07
C SER B 126 -3.57 -25.74 -13.83
N ASP B 127 -3.97 -25.09 -12.73
CA ASP B 127 -4.50 -25.78 -11.56
C ASP B 127 -5.40 -24.77 -10.82
N VAL B 128 -6.30 -25.28 -9.97
CA VAL B 128 -7.06 -24.45 -9.06
C VAL B 128 -7.13 -25.24 -7.77
N LYS B 129 -7.17 -24.53 -6.63
CA LYS B 129 -7.14 -25.19 -5.34
C LYS B 129 -7.63 -24.20 -4.26
N TRP B 130 -8.28 -24.73 -3.24
CA TRP B 130 -8.68 -23.98 -2.05
C TRP B 130 -7.54 -24.20 -1.10
N TRP B 131 -6.74 -23.16 -0.88
CA TRP B 131 -5.53 -23.24 -0.07
C TRP B 131 -5.76 -22.85 1.37
N PRO B 132 -5.32 -23.70 2.34
CA PRO B 132 -5.32 -23.24 3.74
C PRO B 132 -4.55 -21.94 3.82
N LEU B 133 -4.98 -21.06 4.70
CA LEU B 133 -4.44 -19.71 4.67
C LEU B 133 -3.01 -19.66 5.15
N ALA B 134 -2.65 -20.51 6.11
CA ALA B 134 -1.29 -20.52 6.64
C ALA B 134 -0.25 -21.02 5.64
N ASP B 135 -0.70 -21.84 4.69
CA ASP B 135 0.17 -22.35 3.62
C ASP B 135 0.48 -21.24 2.65
N VAL B 136 -0.52 -20.38 2.41
CA VAL B 136 -0.40 -19.30 1.45
C VAL B 136 0.71 -18.33 1.87
N LEU B 137 0.90 -18.14 3.18
CA LEU B 137 1.98 -17.29 3.71
C LEU B 137 3.37 -17.75 3.33
N GLN B 138 3.42 -18.98 2.83
CA GLN B 138 4.63 -19.74 2.63
C GLN B 138 4.99 -19.76 1.16
N MET B 139 4.13 -19.19 0.33
CA MET B 139 4.32 -19.17 -1.10
C MET B 139 4.48 -17.75 -1.63
N PRO B 140 5.20 -17.59 -2.76
CA PRO B 140 5.15 -16.32 -3.50
C PRO B 140 3.88 -16.31 -4.30
N LEU B 141 3.07 -15.26 -4.17
CA LEU B 141 1.87 -15.11 -4.98
C LEU B 141 2.08 -14.06 -6.04
N ALA B 142 1.30 -14.16 -7.10
CA ALA B 142 1.40 -13.23 -8.22
C ALA B 142 1.07 -11.79 -7.76
N PHE B 143 1.72 -10.82 -8.39
CA PHE B 143 1.54 -9.38 -8.09
C PHE B 143 1.48 -9.07 -6.58
N ASP B 144 0.49 -8.26 -6.20
CA ASP B 144 0.24 -7.89 -4.82
C ASP B 144 -0.94 -8.68 -4.22
N HIS B 145 -1.16 -9.90 -4.71
CA HIS B 145 -2.36 -10.69 -4.35
C HIS B 145 -2.41 -11.04 -2.86
N LEU B 146 -1.25 -11.33 -2.28
CA LEU B 146 -1.24 -11.58 -0.86
C LEU B 146 -1.76 -10.38 -0.05
N GLN B 147 -1.31 -9.17 -0.38
CA GLN B 147 -1.87 -7.95 0.21
C GLN B 147 -3.39 -7.94 0.15
N LEU B 148 -3.95 -8.25 -1.01
CA LEU B 148 -5.42 -8.29 -1.15
C LEU B 148 -6.06 -9.35 -0.27
N ILE B 149 -5.42 -10.50 -0.17
CA ILE B 149 -5.97 -11.58 0.60
C ILE B 149 -6.00 -11.17 2.05
N GLU B 150 -4.88 -10.63 2.51
CA GLU B 150 -4.75 -10.20 3.89
C GLU B 150 -5.74 -9.10 4.22
N GLN B 151 -5.96 -8.18 3.28
CA GLN B 151 -6.97 -7.14 3.48
C GLN B 151 -8.37 -7.73 3.68
N ALA B 152 -8.73 -8.70 2.85
CA ALA B 152 -10.04 -9.31 2.92
C ALA B 152 -10.15 -10.13 4.20
N ARG B 153 -9.05 -10.73 4.62
CA ARG B 153 -9.06 -11.59 5.77
C ARG B 153 -9.27 -10.78 7.03
N GLU B 154 -8.63 -9.61 7.11
CA GLU B 154 -8.74 -8.75 8.27
C GLU B 154 -10.13 -8.16 8.34
N ARG B 155 -10.74 -7.94 7.20
CA ARG B 155 -12.08 -7.39 7.14
C ARG B 155 -13.07 -8.36 7.79
N LEU B 156 -12.72 -9.63 7.92
CA LEU B 156 -13.66 -10.59 8.46
C LEU B 156 -14.01 -10.25 9.93
N THR B 157 -13.06 -9.65 10.63
CA THR B 157 -13.21 -9.35 12.04
C THR B 157 -13.50 -7.86 12.32
N HIS C 3 25.98 10.54 -18.80
CA HIS C 3 24.87 10.13 -19.74
C HIS C 3 24.31 8.72 -19.48
N MET C 4 24.65 8.11 -18.33
CA MET C 4 24.10 6.79 -17.97
C MET C 4 22.56 6.79 -17.85
N THR C 5 21.90 5.87 -18.55
CA THR C 5 20.44 5.81 -18.51
C THR C 5 19.99 5.05 -17.29
N GLU C 6 18.73 5.24 -16.92
CA GLU C 6 18.13 4.48 -15.84
C GLU C 6 18.20 2.96 -16.09
N ALA C 7 17.87 2.55 -17.31
CA ALA C 7 17.96 1.13 -17.72
C ALA C 7 19.34 0.55 -17.46
N GLU C 8 20.39 1.25 -17.89
CA GLU C 8 21.75 0.76 -17.65
C GLU C 8 22.16 0.73 -16.16
N TYR C 9 21.75 1.75 -15.42
CA TYR C 9 21.94 1.79 -13.97
C TYR C 9 21.37 0.54 -13.30
N LEU C 10 20.13 0.18 -13.64
CA LEU C 10 19.47 -1.02 -13.05
C LEU C 10 20.13 -2.33 -13.44
N ALA C 11 20.52 -2.45 -14.71
CA ALA C 11 21.27 -3.61 -15.19
C ALA C 11 22.58 -3.86 -14.43
N ASN C 12 23.31 -2.79 -14.10
CA ASN C 12 24.61 -2.93 -13.42
C ASN C 12 24.54 -2.82 -11.92
N TYR C 13 23.33 -2.74 -11.37
CA TYR C 13 23.22 -2.42 -9.95
C TYR C 13 23.57 -3.61 -9.05
N ASP C 14 24.47 -3.39 -8.10
CA ASP C 14 24.89 -4.46 -7.20
C ASP C 14 24.87 -4.00 -5.75
N PRO C 15 23.88 -4.47 -5.00
CA PRO C 15 23.77 -4.12 -3.59
C PRO C 15 24.91 -4.71 -2.77
N LYS C 16 25.41 -5.86 -3.20
CA LYS C 16 26.54 -6.51 -2.52
C LYS C 16 27.83 -5.69 -2.57
N ALA C 17 27.80 -4.56 -3.27
CA ALA C 17 28.93 -3.62 -3.26
C ALA C 17 28.93 -2.72 -2.02
N PHE C 18 27.93 -2.89 -1.17
CA PHE C 18 27.81 -2.05 0.02
C PHE C 18 27.60 -2.90 1.24
N LYS C 19 28.10 -2.42 2.37
CA LYS C 19 27.91 -3.06 3.66
C LYS C 19 26.43 -3.04 3.96
N ALA C 20 25.86 -4.21 4.29
CA ALA C 20 24.44 -4.31 4.61
C ALA C 20 24.15 -4.63 6.08
N GLN C 21 22.95 -4.30 6.55
CA GLN C 21 22.58 -4.41 7.95
C GLN C 21 21.66 -5.62 8.16
N LEU C 22 21.39 -6.00 9.40
CA LEU C 22 20.41 -7.07 9.64
C LEU C 22 18.99 -6.53 9.64
N LEU C 23 18.12 -7.23 8.94
CA LEU C 23 16.77 -6.76 8.81
C LEU C 23 15.81 -7.90 9.16
N THR C 24 15.05 -7.68 10.22
CA THR C 24 14.12 -8.68 10.69
C THR C 24 12.78 -8.09 10.98
N VAL C 25 11.82 -8.96 11.30
CA VAL C 25 10.55 -8.55 11.88
C VAL C 25 10.39 -9.24 13.24
N ASP C 26 9.52 -8.68 14.09
CA ASP C 26 9.15 -9.29 15.36
C ASP C 26 7.65 -9.04 15.55
N ALA C 27 6.96 -9.97 16.22
CA ALA C 27 5.57 -9.77 16.56
C ALA C 27 5.26 -9.95 18.07
N VAL C 28 4.49 -9.02 18.63
CA VAL C 28 4.04 -9.15 20.01
C VAL C 28 2.54 -9.38 20.03
N LEU C 29 2.12 -10.62 20.24
CA LEU C 29 0.71 -10.95 20.35
C LEU C 29 0.21 -11.11 21.79
N PHE C 30 -0.99 -10.61 22.02
CA PHE C 30 -1.52 -10.45 23.34
C PHE C 30 -2.84 -11.13 23.32
N THR C 31 -3.17 -11.73 24.47
CA THR C 31 -4.48 -12.25 24.68
C THR C 31 -4.84 -12.11 26.15
N TYR C 32 -6.13 -11.95 26.43
CA TYR C 32 -6.67 -12.21 27.75
C TYR C 32 -7.22 -13.63 27.79
N HIS C 33 -6.67 -14.46 28.68
CA HIS C 33 -7.08 -15.85 28.82
C HIS C 33 -6.87 -16.26 30.27
N ASP C 34 -7.87 -16.94 30.85
CA ASP C 34 -7.93 -17.30 32.29
C ASP C 34 -7.88 -16.07 33.17
N GLN C 35 -8.62 -15.02 32.78
CA GLN C 35 -8.63 -13.76 33.55
C GLN C 35 -7.26 -13.07 33.72
N GLN C 36 -6.28 -13.39 32.86
CA GLN C 36 -5.02 -12.64 32.87
C GLN C 36 -4.45 -12.32 31.47
N LEU C 37 -3.66 -11.26 31.41
CA LEU C 37 -3.07 -10.80 30.16
C LEU C 37 -1.87 -11.68 29.88
N LYS C 38 -1.87 -12.28 28.68
CA LYS C 38 -0.76 -13.11 28.23
C LYS C 38 -0.11 -12.63 26.94
N VAL C 39 1.12 -13.06 26.73
CA VAL C 39 1.89 -12.71 25.55
C VAL C 39 2.54 -13.98 24.95
N LEU C 40 2.51 -14.10 23.62
CA LEU C 40 3.01 -15.28 22.90
C LEU C 40 4.53 -15.28 22.75
N LEU C 41 5.20 -16.25 23.35
CA LEU C 41 6.65 -16.28 23.31
C LEU C 41 7.14 -17.62 22.82
N VAL C 42 8.35 -17.61 22.26
CA VAL C 42 8.99 -18.83 21.79
C VAL C 42 10.35 -18.97 22.43
N GLN C 43 10.82 -20.22 22.49
CA GLN C 43 12.11 -20.55 23.08
C GLN C 43 13.08 -20.76 21.92
N ARG C 44 14.16 -20.00 21.89
CA ARG C 44 15.10 -20.05 20.76
C ARG C 44 15.95 -21.34 20.68
N SER C 45 16.04 -21.91 19.47
CA SER C 45 16.95 -23.04 19.18
C SER C 45 18.26 -22.63 18.48
N ASN C 46 18.37 -21.35 18.10
CA ASN C 46 19.55 -20.82 17.40
C ASN C 46 20.19 -19.71 18.22
N HIS C 47 21.47 -19.42 17.95
CA HIS C 47 22.18 -18.33 18.62
C HIS C 47 21.77 -17.04 17.92
N PRO C 48 22.02 -15.88 18.57
CA PRO C 48 22.44 -15.73 19.96
C PRO C 48 21.25 -15.90 20.90
N PHE C 49 21.52 -15.93 22.20
CA PHE C 49 20.48 -16.12 23.20
C PHE C 49 19.80 -17.49 23.07
N LEU C 50 20.57 -18.51 22.71
CA LEU C 50 20.06 -19.88 22.55
C LEU C 50 19.43 -20.36 23.86
N GLY C 51 18.24 -20.94 23.74
CA GLY C 51 17.50 -21.48 24.89
C GLY C 51 16.64 -20.48 25.64
N LEU C 52 16.93 -19.19 25.45
CA LEU C 52 16.11 -18.11 26.00
C LEU C 52 14.74 -18.01 25.33
N TRP C 53 13.80 -17.41 26.05
CA TRP C 53 12.51 -16.99 25.49
C TRP C 53 12.62 -15.63 24.78
N GLY C 54 11.90 -15.51 23.66
CA GLY C 54 11.79 -14.23 22.96
C GLY C 54 10.54 -14.10 22.11
N LEU C 55 10.42 -12.98 21.40
CA LEU C 55 9.35 -12.76 20.45
C LEU C 55 9.51 -13.64 19.22
N PRO C 56 8.39 -14.15 18.67
CA PRO C 56 8.57 -14.79 17.38
C PRO C 56 8.83 -13.72 16.32
N GLY C 57 9.91 -13.93 15.58
CA GLY C 57 10.39 -12.97 14.61
C GLY C 57 11.27 -13.65 13.57
N GLY C 58 12.03 -12.84 12.83
CA GLY C 58 12.93 -13.44 11.86
C GLY C 58 13.25 -12.67 10.60
N PHE C 59 13.94 -13.35 9.69
CA PHE C 59 14.42 -12.74 8.47
C PHE C 59 13.45 -12.85 7.27
N ILE C 60 13.52 -11.86 6.39
CA ILE C 60 12.80 -11.88 5.11
C ILE C 60 13.28 -13.03 4.23
N ASP C 61 12.37 -13.68 3.54
CA ASP C 61 12.74 -14.70 2.59
C ASP C 61 12.14 -14.22 1.29
N GLU C 62 13.02 -13.67 0.44
CA GLU C 62 12.63 -13.12 -0.84
C GLU C 62 12.12 -14.17 -1.83
N THR C 63 12.28 -15.44 -1.52
CA THR C 63 11.75 -16.44 -2.45
C THR C 63 10.23 -16.59 -2.25
N CYS C 64 9.68 -16.04 -1.17
CA CYS C 64 8.24 -16.04 -1.03
C CYS C 64 7.61 -14.74 -0.58
N ASP C 65 8.30 -13.97 0.27
CA ASP C 65 7.76 -12.74 0.84
C ASP C 65 7.60 -11.58 -0.15
N GLU C 66 6.38 -11.09 -0.30
CA GLU C 66 6.10 -9.94 -1.13
C GLU C 66 6.30 -8.63 -0.34
N SER C 67 5.98 -8.68 0.95
CA SER C 67 6.07 -7.53 1.82
C SER C 67 6.42 -7.95 3.25
N LEU C 68 6.65 -6.96 4.11
CA LEU C 68 6.99 -7.23 5.50
C LEU C 68 5.80 -7.84 6.20
N GLU C 69 4.60 -7.44 5.77
CA GLU C 69 3.38 -8.01 6.29
C GLU C 69 3.43 -9.52 6.13
N GLN C 70 3.79 -9.99 4.94
CA GLN C 70 3.93 -11.42 4.71
C GLN C 70 4.99 -12.07 5.59
N THR C 71 6.18 -11.47 5.69
CA THR C 71 7.23 -12.01 6.52
C THR C 71 6.77 -12.27 7.97
N VAL C 72 6.02 -11.33 8.53
CA VAL C 72 5.70 -11.42 9.94
C VAL C 72 4.60 -12.46 10.21
N LEU C 73 3.65 -12.58 9.28
CA LEU C 73 2.64 -13.63 9.36
C LEU C 73 3.24 -15.01 9.05
N ARG C 74 4.23 -15.07 8.14
CA ARG C 74 4.93 -16.32 7.89
C ARG C 74 5.72 -16.82 9.13
N LYS C 75 6.59 -15.97 9.69
CA LYS C 75 7.30 -16.29 10.94
C LYS C 75 6.32 -16.69 12.08
N LEU C 76 5.28 -15.90 12.32
CA LEU C 76 4.29 -16.29 13.32
C LEU C 76 3.77 -17.73 13.07
N ALA C 77 3.30 -18.00 11.86
CA ALA C 77 2.77 -19.31 11.52
C ALA C 77 3.84 -20.41 11.68
N GLU C 78 5.07 -20.13 11.27
CA GLU C 78 6.11 -21.14 11.34
C GLU C 78 6.45 -21.41 12.80
N LYS C 79 6.62 -20.36 13.60
CA LYS C 79 7.16 -20.57 14.95
C LYS C 79 6.08 -20.92 15.98
N THR C 80 4.81 -20.68 15.65
CA THR C 80 3.77 -20.77 16.67
C THR C 80 2.46 -21.40 16.22
N ALA C 81 2.32 -21.64 14.93
CA ALA C 81 1.02 -22.00 14.34
C ALA C 81 -0.09 -20.97 14.59
N VAL C 82 0.24 -19.86 15.22
CA VAL C 82 -0.81 -18.85 15.49
C VAL C 82 -0.99 -17.87 14.32
N VAL C 83 -2.23 -17.67 13.91
CA VAL C 83 -2.60 -16.70 12.89
C VAL C 83 -3.50 -15.66 13.55
N PRO C 84 -2.98 -14.43 13.81
CA PRO C 84 -3.83 -13.42 14.47
C PRO C 84 -4.89 -12.93 13.50
N PRO C 85 -5.99 -12.34 14.01
CA PRO C 85 -7.09 -11.82 13.22
C PRO C 85 -6.70 -10.62 12.34
N TYR C 86 -5.69 -9.87 12.78
CA TYR C 86 -5.13 -8.73 12.06
C TYR C 86 -3.71 -8.59 12.61
N ILE C 87 -2.90 -7.75 11.98
CA ILE C 87 -1.57 -7.45 12.46
C ILE C 87 -1.32 -6.01 12.12
N GLU C 88 -0.70 -5.29 13.05
CA GLU C 88 -0.45 -3.87 12.88
C GLU C 88 0.97 -3.55 13.33
N GLN C 89 1.54 -2.57 12.65
CA GLN C 89 2.89 -2.19 12.88
C GLN C 89 2.93 -1.43 14.18
N LEU C 90 3.93 -1.72 14.99
CA LEU C 90 4.07 -1.05 16.28
C LEU C 90 5.18 -0.02 16.21
N CYS C 91 6.38 -0.48 15.88
CA CYS C 91 7.52 0.40 15.80
C CYS C 91 8.70 -0.29 15.13
N THR C 92 9.64 0.52 14.67
CA THR C 92 10.87 0.05 14.10
C THR C 92 12.06 0.49 14.98
N VAL C 93 12.86 -0.49 15.39
CA VAL C 93 14.03 -0.24 16.22
C VAL C 93 15.26 -0.61 15.39
N GLY C 94 16.19 0.31 15.22
CA GLY C 94 17.39 0.01 14.49
C GLY C 94 18.57 0.70 15.10
N ASN C 95 19.60 -0.07 15.47
CA ASN C 95 20.83 0.51 16.08
C ASN C 95 22.00 -0.48 16.06
N ASN C 96 23.17 -0.05 16.53
CA ASN C 96 24.38 -0.91 16.49
C ASN C 96 24.60 -1.85 17.68
N SER C 97 23.59 -2.02 18.54
CA SER C 97 23.83 -2.74 19.79
C SER C 97 22.82 -3.82 20.15
N ARG C 98 21.58 -3.68 19.65
CA ARG C 98 20.51 -4.64 19.94
C ARG C 98 20.85 -6.10 19.55
N ASP C 99 21.71 -6.27 18.54
CA ASP C 99 21.98 -7.59 17.99
C ASP C 99 23.47 -7.85 17.85
N ALA C 100 23.99 -8.75 18.68
CA ALA C 100 25.42 -9.15 18.66
C ALA C 100 25.99 -9.38 17.24
N ARG C 101 25.17 -9.88 16.33
CA ARG C 101 25.64 -10.13 14.97
C ARG C 101 25.96 -8.87 14.14
N GLY C 102 25.51 -7.70 14.59
CA GLY C 102 25.84 -6.45 13.89
C GLY C 102 24.76 -5.37 13.86
N TRP C 103 24.98 -4.33 13.06
CA TRP C 103 23.97 -3.28 12.90
C TRP C 103 22.63 -3.91 12.50
N SER C 104 21.56 -3.54 13.20
CA SER C 104 20.33 -4.30 13.11
C SER C 104 19.12 -3.41 13.14
N VAL C 105 18.13 -3.77 12.33
CA VAL C 105 16.85 -3.08 12.28
C VAL C 105 15.76 -4.11 12.39
N THR C 106 14.87 -3.91 13.34
CA THR C 106 13.73 -4.79 13.43
C THR C 106 12.42 -4.01 13.36
N VAL C 107 11.47 -4.54 12.62
CA VAL C 107 10.19 -3.89 12.44
C VAL C 107 9.20 -4.70 13.26
N CYS C 108 8.72 -4.10 14.34
CA CYS C 108 7.87 -4.84 15.25
C CYS C 108 6.39 -4.66 14.92
N TYR C 109 5.66 -5.77 15.02
CA TYR C 109 4.22 -5.78 14.90
C TYR C 109 3.56 -6.20 16.21
N THR C 110 2.25 -5.98 16.28
CA THR C 110 1.47 -6.32 17.45
C THR C 110 -0.01 -6.54 17.13
N ALA C 111 -0.73 -7.19 18.05
CA ALA C 111 -2.16 -7.39 17.91
C ALA C 111 -2.73 -7.89 19.25
N LEU C 112 -3.94 -7.47 19.57
CA LEU C 112 -4.70 -8.11 20.66
C LEU C 112 -5.65 -9.13 20.04
N MET C 113 -5.62 -10.36 20.52
CA MET C 113 -6.43 -11.40 19.93
C MET C 113 -6.97 -12.36 20.97
N SER C 114 -7.85 -13.27 20.53
CA SER C 114 -8.37 -14.31 21.37
C SER C 114 -7.43 -15.47 21.37
N TYR C 115 -7.46 -16.23 22.46
CA TYR C 115 -6.65 -17.41 22.64
C TYR C 115 -6.77 -18.39 21.48
N GLN C 116 -5.65 -19.03 21.18
CA GLN C 116 -5.52 -19.96 20.09
C GLN C 116 -4.32 -20.85 20.47
N ALA C 117 -4.53 -22.16 20.49
CA ALA C 117 -3.43 -23.09 20.83
C ALA C 117 -2.24 -22.88 19.90
N CYS C 118 -1.05 -23.02 20.46
CA CYS C 118 0.16 -22.85 19.69
C CYS C 118 0.97 -24.13 19.69
N GLN C 119 1.67 -24.37 18.56
CA GLN C 119 2.71 -25.39 18.44
C GLN C 119 3.81 -24.94 17.48
N ILE C 120 5.06 -25.25 17.80
CA ILE C 120 6.19 -24.98 16.91
C ILE C 120 6.04 -25.79 15.60
N GLN C 121 6.49 -25.20 14.49
CA GLN C 121 6.35 -25.84 13.18
C GLN C 121 7.64 -25.67 12.36
N ILE C 122 8.72 -25.33 13.04
CA ILE C 122 10.01 -25.11 12.38
C ILE C 122 11.09 -25.31 13.42
N ALA C 123 12.29 -25.74 13.01
CA ALA C 123 13.38 -26.12 13.94
C ALA C 123 14.17 -24.99 14.60
N SER C 124 13.87 -23.75 14.23
CA SER C 124 14.56 -22.59 14.80
C SER C 124 14.11 -22.36 16.26
N VAL C 125 12.97 -22.94 16.61
CA VAL C 125 12.46 -22.88 18.00
C VAL C 125 12.19 -24.28 18.58
N SER C 126 12.14 -24.37 19.90
CA SER C 126 12.05 -25.64 20.61
C SER C 126 10.79 -25.75 21.49
N ASP C 127 10.08 -24.64 21.64
CA ASP C 127 8.85 -24.57 22.44
C ASP C 127 8.19 -23.22 22.19
N VAL C 128 6.89 -23.17 22.44
CA VAL C 128 6.12 -21.94 22.33
C VAL C 128 5.05 -21.94 23.42
N LYS C 129 4.70 -20.77 23.94
CA LYS C 129 3.76 -20.68 25.05
C LYS C 129 3.19 -19.29 25.21
N TRP C 130 1.91 -19.21 25.55
CA TRP C 130 1.30 -17.96 25.97
C TRP C 130 1.63 -17.67 27.45
N TRP C 131 2.67 -16.87 27.69
CA TRP C 131 3.09 -16.52 29.05
C TRP C 131 2.28 -15.40 29.67
N PRO C 132 1.87 -15.55 30.94
CA PRO C 132 1.29 -14.37 31.62
C PRO C 132 2.29 -13.22 31.59
N LEU C 133 1.79 -12.02 31.28
CA LEU C 133 2.69 -10.88 31.09
C LEU C 133 3.54 -10.63 32.33
N ALA C 134 2.88 -10.51 33.49
CA ALA C 134 3.54 -10.36 34.80
C ALA C 134 4.75 -11.28 35.04
N ASP C 135 4.61 -12.58 34.70
CA ASP C 135 5.78 -13.50 34.77
C ASP C 135 6.92 -13.02 33.88
N VAL C 136 6.57 -12.56 32.68
CA VAL C 136 7.54 -12.22 31.63
C VAL C 136 8.39 -10.98 31.93
N LEU C 137 7.82 -10.02 32.65
CA LEU C 137 8.54 -8.79 33.00
C LEU C 137 9.77 -9.09 33.86
N GLN C 138 9.87 -10.35 34.31
CA GLN C 138 10.93 -10.81 35.20
C GLN C 138 11.92 -11.78 34.54
N MET C 139 11.51 -12.46 33.48
CA MET C 139 12.40 -13.34 32.74
C MET C 139 13.51 -12.55 32.06
N PRO C 140 14.68 -13.18 31.87
CA PRO C 140 15.60 -12.54 30.95
C PRO C 140 15.14 -12.90 29.52
N LEU C 141 14.98 -11.90 28.66
CA LEU C 141 14.49 -12.18 27.32
C LEU C 141 15.55 -11.89 26.30
N ALA C 142 15.48 -12.62 25.18
CA ALA C 142 16.42 -12.43 24.08
C ALA C 142 16.35 -11.00 23.55
N PHE C 143 17.51 -10.45 23.22
CA PHE C 143 17.60 -9.12 22.57
C PHE C 143 16.97 -8.02 23.43
N ASP C 144 16.42 -7.01 22.76
CA ASP C 144 15.65 -5.95 23.40
C ASP C 144 14.16 -6.29 23.39
N HIS C 145 13.83 -7.58 23.34
CA HIS C 145 12.45 -7.99 23.21
C HIS C 145 11.56 -7.55 24.37
N LEU C 146 12.12 -7.46 25.57
CA LEU C 146 11.36 -6.92 26.71
C LEU C 146 10.93 -5.47 26.45
N GLN C 147 11.86 -4.64 25.99
CA GLN C 147 11.53 -3.24 25.65
C GLN C 147 10.45 -3.14 24.54
N LEU C 148 10.48 -4.02 23.55
CA LEU C 148 9.41 -4.07 22.52
C LEU C 148 8.04 -4.45 23.10
N ILE C 149 8.03 -5.43 24.00
CA ILE C 149 6.81 -5.89 24.65
C ILE C 149 6.21 -4.79 25.49
N GLU C 150 7.07 -4.08 26.21
CA GLU C 150 6.69 -2.92 27.00
C GLU C 150 6.07 -1.84 26.11
N GLN C 151 6.65 -1.64 24.93
CA GLN C 151 6.09 -0.70 24.00
C GLN C 151 4.73 -1.18 23.45
N ALA C 152 4.61 -2.49 23.23
CA ALA C 152 3.35 -3.06 22.77
C ALA C 152 2.26 -2.98 23.85
N ARG C 153 2.67 -3.10 25.12
CA ARG C 153 1.79 -2.91 26.28
C ARG C 153 1.21 -1.48 26.35
N GLU C 154 2.05 -0.49 26.04
CA GLU C 154 1.59 0.90 25.98
C GLU C 154 0.52 1.10 24.89
N ARG C 155 0.67 0.42 23.76
CA ARG C 155 -0.29 0.54 22.64
C ARG C 155 -1.65 -0.07 23.02
N LEU C 156 -1.67 -0.90 24.05
CA LEU C 156 -2.92 -1.45 24.57
C LEU C 156 -3.71 -0.41 25.36
N THR C 157 -3.00 0.47 26.07
CA THR C 157 -3.62 1.45 26.96
C THR C 157 -4.33 2.57 26.16
N GLN C 158 -3.96 2.74 24.90
CA GLN C 158 -4.66 3.64 23.95
C GLN C 158 -6.10 3.20 23.67
N MET D 4 28.39 -26.24 19.42
CA MET D 4 29.05 -24.90 19.26
C MET D 4 28.48 -23.89 20.25
N THR D 5 29.31 -22.96 20.69
CA THR D 5 28.93 -21.96 21.71
C THR D 5 28.55 -20.58 21.14
N GLU D 6 27.92 -19.76 21.97
CA GLU D 6 27.61 -18.36 21.64
C GLU D 6 28.78 -17.64 20.93
N ALA D 7 29.96 -17.68 21.55
CA ALA D 7 31.15 -16.96 21.05
C ALA D 7 31.73 -17.54 19.77
N GLU D 8 31.61 -18.85 19.60
CA GLU D 8 32.07 -19.53 18.38
C GLU D 8 31.14 -19.21 17.21
N TYR D 9 29.83 -19.23 17.50
CA TYR D 9 28.79 -18.79 16.55
C TYR D 9 29.10 -17.41 16.01
N LEU D 10 29.35 -16.46 16.91
CA LEU D 10 29.64 -15.07 16.60
C LEU D 10 30.96 -14.85 15.90
N ALA D 11 31.97 -15.62 16.26
CA ALA D 11 33.27 -15.54 15.61
C ALA D 11 33.15 -16.01 14.16
N ASN D 12 32.28 -16.98 13.93
CA ASN D 12 32.10 -17.56 12.60
C ASN D 12 30.92 -16.97 11.82
N TYR D 13 30.24 -15.98 12.40
CA TYR D 13 29.09 -15.35 11.72
C TYR D 13 29.53 -14.51 10.53
N ASP D 14 28.96 -14.81 9.37
CA ASP D 14 29.20 -14.03 8.18
C ASP D 14 27.86 -13.69 7.56
N PRO D 15 27.51 -12.39 7.55
CA PRO D 15 26.22 -11.93 7.02
C PRO D 15 26.17 -11.96 5.49
N LYS D 16 27.35 -11.82 4.85
CA LYS D 16 27.45 -11.89 3.40
C LYS D 16 27.08 -13.26 2.85
N ALA D 17 26.82 -14.21 3.74
CA ALA D 17 26.34 -15.55 3.37
C ALA D 17 24.87 -15.52 3.00
N PHE D 18 24.22 -14.40 3.31
CA PHE D 18 22.78 -14.28 3.20
C PHE D 18 22.39 -13.10 2.35
N LYS D 19 21.31 -13.24 1.59
CA LYS D 19 20.89 -12.13 0.77
C LYS D 19 20.43 -11.02 1.70
N ALA D 20 20.92 -9.82 1.42
CA ALA D 20 20.49 -8.64 2.13
C ALA D 20 19.52 -7.83 1.25
N GLN D 21 18.61 -7.10 1.90
CA GLN D 21 17.64 -6.20 1.24
C GLN D 21 18.15 -4.74 1.25
N LEU D 22 17.50 -3.85 0.51
CA LEU D 22 17.81 -2.43 0.63
C LEU D 22 17.20 -1.84 1.90
N LEU D 23 17.95 -1.00 2.59
CA LEU D 23 17.49 -0.45 3.84
C LEU D 23 17.77 1.06 3.87
N THR D 24 16.72 1.85 4.00
CA THR D 24 16.87 3.29 3.96
C THR D 24 15.94 3.92 4.97
N VAL D 25 16.08 5.23 5.11
CA VAL D 25 15.19 6.07 5.87
C VAL D 25 14.67 7.17 4.95
N ASP D 26 13.54 7.75 5.31
CA ASP D 26 12.98 8.88 4.60
C ASP D 26 12.36 9.80 5.66
N ALA D 27 12.27 11.09 5.34
CA ALA D 27 11.70 12.11 6.26
C ALA D 27 10.68 12.95 5.55
N VAL D 28 9.50 13.08 6.16
CA VAL D 28 8.49 13.98 5.61
C VAL D 28 8.37 15.13 6.60
N LEU D 29 8.98 16.26 6.25
CA LEU D 29 8.95 17.41 7.13
C LEU D 29 7.96 18.36 6.56
N PHE D 30 7.01 18.77 7.41
CA PHE D 30 6.04 19.80 7.07
C PHE D 30 6.31 21.07 7.86
N THR D 31 5.91 22.18 7.25
CA THR D 31 5.87 23.45 7.90
C THR D 31 4.58 24.18 7.50
N TYR D 32 4.19 25.15 8.31
CA TYR D 32 3.13 26.02 7.92
C TYR D 32 3.75 27.37 7.71
N HIS D 33 3.60 27.88 6.49
CA HIS D 33 4.43 29.00 6.04
C HIS D 33 3.71 29.71 4.91
N ASP D 34 3.61 31.03 5.03
CA ASP D 34 2.96 31.86 4.04
C ASP D 34 1.58 31.32 3.74
N GLN D 35 0.83 31.08 4.83
CA GLN D 35 -0.57 30.62 4.84
C GLN D 35 -0.83 29.27 4.18
N GLN D 36 0.19 28.42 4.11
CA GLN D 36 -0.01 27.11 3.47
C GLN D 36 0.89 26.02 4.05
N LEU D 37 0.44 24.78 3.98
CA LEU D 37 1.24 23.65 4.42
C LEU D 37 2.20 23.40 3.30
N LYS D 38 3.47 23.17 3.67
CA LYS D 38 4.50 22.84 2.69
C LYS D 38 5.29 21.63 3.13
N VAL D 39 5.77 20.87 2.16
CA VAL D 39 6.63 19.76 2.46
C VAL D 39 8.01 19.96 1.82
N LEU D 40 9.03 19.52 2.55
CA LEU D 40 10.43 19.58 2.18
C LEU D 40 10.77 18.49 1.18
N LEU D 41 11.21 18.90 -0.01
CA LEU D 41 11.64 17.96 -1.03
C LEU D 41 13.02 18.31 -1.57
N VAL D 42 13.65 17.31 -2.18
CA VAL D 42 14.93 17.45 -2.86
C VAL D 42 14.79 16.98 -4.31
N GLN D 43 15.61 17.55 -5.19
CA GLN D 43 15.67 17.07 -6.58
C GLN D 43 16.86 16.13 -6.69
N ARG D 44 16.61 14.91 -7.18
CA ARG D 44 17.58 13.84 -7.11
C ARG D 44 18.68 13.96 -8.18
N SER D 45 19.94 13.75 -7.80
CA SER D 45 21.04 13.74 -8.79
C SER D 45 21.44 12.34 -9.16
N ASN D 46 20.74 11.37 -8.57
CA ASN D 46 21.05 9.98 -8.73
C ASN D 46 19.89 9.21 -9.28
N HIS D 47 20.21 8.09 -9.93
CA HIS D 47 19.22 7.12 -10.34
C HIS D 47 18.81 6.31 -9.10
N PRO D 48 17.59 5.72 -9.11
CA PRO D 48 16.57 5.91 -10.16
C PRO D 48 15.87 7.24 -9.95
N PHE D 49 14.92 7.56 -10.81
CA PHE D 49 14.17 8.82 -10.75
C PHE D 49 15.11 10.04 -10.74
N LEU D 50 16.15 9.99 -11.57
CA LEU D 50 17.11 11.10 -11.70
C LEU D 50 16.39 12.35 -12.11
N GLY D 51 16.70 13.48 -11.47
CA GLY D 51 16.01 14.76 -11.75
C GLY D 51 14.57 14.92 -11.23
N LEU D 52 13.96 13.86 -10.70
CA LEU D 52 12.67 13.99 -10.07
C LEU D 52 12.76 14.54 -8.65
N TRP D 53 11.72 15.21 -8.20
CA TRP D 53 11.66 15.53 -6.79
C TRP D 53 11.30 14.29 -5.95
N GLY D 54 11.62 14.34 -4.67
CA GLY D 54 11.35 13.25 -3.75
C GLY D 54 11.76 13.64 -2.35
N LEU D 55 11.56 12.73 -1.41
CA LEU D 55 11.86 12.97 -0.02
C LEU D 55 13.35 12.95 0.23
N PRO D 56 13.80 13.69 1.26
CA PRO D 56 15.22 13.54 1.66
C PRO D 56 15.42 12.26 2.47
N GLY D 57 15.95 11.21 1.84
CA GLY D 57 16.20 9.99 2.57
C GLY D 57 17.55 9.41 2.24
N GLY D 58 17.74 8.14 2.56
CA GLY D 58 19.00 7.52 2.19
C GLY D 58 19.44 6.36 3.05
N PHE D 59 20.68 5.95 2.81
CA PHE D 59 21.24 4.76 3.40
C PHE D 59 21.95 5.00 4.73
N ILE D 60 22.03 3.94 5.54
CA ILE D 60 22.70 4.03 6.82
C ILE D 60 24.22 4.10 6.58
N ASP D 61 24.90 4.85 7.43
CA ASP D 61 26.35 4.86 7.40
C ASP D 61 26.80 4.40 8.77
N GLU D 62 27.21 3.13 8.82
CA GLU D 62 27.64 2.51 10.09
C GLU D 62 28.84 3.21 10.72
N THR D 63 29.61 3.94 9.92
CA THR D 63 30.76 4.66 10.42
C THR D 63 30.40 5.83 11.33
N CYS D 64 29.18 6.35 11.22
CA CYS D 64 28.76 7.47 12.08
C CYS D 64 27.37 7.35 12.67
N ASP D 65 26.51 6.52 12.08
CA ASP D 65 25.16 6.35 12.61
C ASP D 65 25.12 5.23 13.68
N GLU D 66 24.70 5.60 14.89
CA GLU D 66 24.49 4.61 15.95
C GLU D 66 23.06 4.02 15.93
N SER D 67 22.12 4.77 15.36
CA SER D 67 20.70 4.42 15.34
C SER D 67 20.02 5.00 14.10
N LEU D 68 18.82 4.54 13.80
CA LEU D 68 18.05 5.04 12.64
C LEU D 68 17.75 6.54 12.73
N GLU D 69 17.42 6.98 13.93
CA GLU D 69 17.25 8.40 14.18
C GLU D 69 18.49 9.19 13.79
N GLN D 70 19.68 8.64 14.03
CA GLN D 70 20.92 9.32 13.55
C GLN D 70 21.04 9.41 12.02
N THR D 71 20.69 8.31 11.34
CA THR D 71 20.65 8.28 9.87
C THR D 71 19.72 9.35 9.29
N VAL D 72 18.47 9.39 9.76
CA VAL D 72 17.52 10.31 9.16
C VAL D 72 17.94 11.75 9.40
N LEU D 73 18.46 12.03 10.58
CA LEU D 73 18.95 13.37 10.90
C LEU D 73 20.14 13.76 10.00
N ARG D 74 21.09 12.84 9.82
CA ARG D 74 22.21 13.07 8.92
C ARG D 74 21.82 13.34 7.47
N LYS D 75 20.95 12.49 6.90
CA LYS D 75 20.45 12.68 5.52
C LYS D 75 19.71 14.00 5.37
N LEU D 76 18.95 14.38 6.40
CA LEU D 76 18.32 15.72 6.40
C LEU D 76 19.35 16.85 6.35
N ALA D 77 20.37 16.74 7.20
CA ALA D 77 21.40 17.78 7.27
C ALA D 77 22.15 17.84 5.95
N GLU D 78 22.52 16.68 5.41
CA GLU D 78 23.29 16.61 4.17
C GLU D 78 22.53 17.11 2.95
N LYS D 79 21.27 16.73 2.81
CA LYS D 79 20.53 17.05 1.59
C LYS D 79 19.80 18.38 1.68
N THR D 80 19.49 18.82 2.91
CA THR D 80 18.61 19.98 3.11
C THR D 80 19.11 21.10 4.05
N ALA D 81 20.10 20.81 4.90
CA ALA D 81 20.54 21.79 5.94
C ALA D 81 19.53 22.05 7.07
N VAL D 82 18.44 21.30 7.09
CA VAL D 82 17.40 21.46 8.08
C VAL D 82 17.65 20.49 9.24
N VAL D 83 17.55 21.03 10.47
CA VAL D 83 17.69 20.27 11.71
C VAL D 83 16.32 20.31 12.39
N PRO D 84 15.46 19.31 12.12
CA PRO D 84 14.12 19.39 12.72
C PRO D 84 14.17 19.52 14.26
N PRO D 85 13.25 20.30 14.86
CA PRO D 85 13.25 20.46 16.31
C PRO D 85 12.78 19.21 17.08
N TYR D 86 12.14 18.29 16.37
CA TYR D 86 11.89 16.94 16.89
C TYR D 86 11.63 16.09 15.68
N ILE D 87 11.70 14.78 15.85
CA ILE D 87 11.31 13.89 14.77
C ILE D 87 10.58 12.67 15.34
N GLU D 88 9.53 12.23 14.64
CA GLU D 88 8.67 11.08 15.00
C GLU D 88 8.78 9.98 13.96
N GLN D 89 8.69 8.74 14.41
CA GLN D 89 8.59 7.64 13.46
C GLN D 89 7.16 7.56 12.87
N LEU D 90 7.05 7.43 11.56
CA LEU D 90 5.74 7.39 10.90
C LEU D 90 5.28 5.96 10.60
N CYS D 91 6.04 5.24 9.79
CA CYS D 91 5.67 3.91 9.37
C CYS D 91 6.88 3.38 8.66
N THR D 92 6.93 2.06 8.54
CA THR D 92 7.98 1.43 7.79
C THR D 92 7.31 0.69 6.67
N VAL D 93 7.84 0.87 5.46
CA VAL D 93 7.25 0.25 4.29
C VAL D 93 8.30 -0.63 3.64
N GLY D 94 7.96 -1.88 3.40
CA GLY D 94 8.91 -2.84 2.83
C GLY D 94 8.25 -3.88 1.95
N ASN D 95 8.65 -3.90 0.69
CA ASN D 95 8.08 -4.82 -0.28
C ASN D 95 8.97 -5.03 -1.48
N ASN D 96 8.50 -5.84 -2.43
CA ASN D 96 9.29 -6.17 -3.61
C ASN D 96 9.07 -5.25 -4.83
N SER D 97 8.33 -4.18 -4.68
CA SER D 97 7.94 -3.38 -5.83
C SER D 97 8.16 -1.89 -5.69
N ARG D 98 8.43 -1.41 -4.49
CA ARG D 98 8.56 0.04 -4.33
C ARG D 98 9.87 0.59 -4.91
N ASP D 99 10.91 -0.24 -4.99
CA ASP D 99 12.20 0.25 -5.46
C ASP D 99 12.76 -0.74 -6.49
N ALA D 100 12.93 -0.27 -7.72
CA ALA D 100 13.34 -1.11 -8.85
C ALA D 100 14.66 -1.80 -8.59
N ARG D 101 15.45 -1.27 -7.64
CA ARG D 101 16.75 -1.84 -7.34
C ARG D 101 16.68 -3.21 -6.65
N GLY D 102 15.55 -3.49 -5.99
CA GLY D 102 15.35 -4.78 -5.32
C GLY D 102 14.42 -4.67 -4.12
N TRP D 103 14.16 -5.81 -3.50
CA TRP D 103 13.39 -5.88 -2.28
C TRP D 103 13.89 -4.75 -1.37
N SER D 104 12.97 -3.91 -0.89
CA SER D 104 13.45 -2.75 -0.12
C SER D 104 12.57 -2.35 1.07
N VAL D 105 13.20 -1.70 2.05
CA VAL D 105 12.52 -1.27 3.27
C VAL D 105 12.90 0.16 3.56
N THR D 106 11.93 1.08 3.67
CA THR D 106 12.23 2.36 4.35
C THR D 106 11.50 2.57 5.63
N VAL D 107 12.24 3.17 6.54
CA VAL D 107 11.70 3.68 7.76
C VAL D 107 11.49 5.16 7.52
N CYS D 108 10.22 5.56 7.56
CA CYS D 108 9.83 6.91 7.28
C CYS D 108 9.55 7.64 8.59
N TYR D 109 10.02 8.88 8.67
CA TYR D 109 9.85 9.76 9.82
C TYR D 109 9.13 11.00 9.39
N THR D 110 8.58 11.73 10.34
CA THR D 110 7.90 12.97 10.03
C THR D 110 7.92 13.92 11.21
N ALA D 111 7.75 15.22 10.93
CA ALA D 111 7.54 16.25 11.95
C ALA D 111 6.80 17.43 11.33
N LEU D 112 6.02 18.14 12.15
CA LEU D 112 5.50 19.46 11.75
C LEU D 112 6.25 20.55 12.52
N MET D 113 6.76 21.53 11.79
CA MET D 113 7.75 22.46 12.36
C MET D 113 7.67 23.85 11.73
N SER D 114 8.11 24.89 12.45
CA SER D 114 8.20 26.19 11.80
C SER D 114 9.38 26.16 10.82
N TYR D 115 9.26 26.99 9.78
CA TYR D 115 10.23 27.11 8.68
C TYR D 115 11.71 27.18 9.09
N GLN D 116 12.55 26.51 8.30
CA GLN D 116 13.99 26.67 8.38
C GLN D 116 14.45 26.77 6.95
N ALA D 117 15.26 27.78 6.65
CA ALA D 117 15.92 27.89 5.33
C ALA D 117 16.66 26.60 5.02
N CYS D 118 16.61 26.20 3.75
CA CYS D 118 17.20 24.93 3.34
C CYS D 118 18.13 25.12 2.17
N GLN D 119 19.21 24.32 2.16
CA GLN D 119 20.16 24.32 1.07
C GLN D 119 20.77 22.91 0.93
N ILE D 120 21.14 22.55 -0.29
CA ILE D 120 21.82 21.29 -0.53
C ILE D 120 23.24 21.32 0.06
N GLN D 121 23.71 20.18 0.56
CA GLN D 121 25.01 20.11 1.19
C GLN D 121 25.67 18.76 0.88
N ILE D 122 25.27 18.13 -0.23
CA ILE D 122 25.83 16.86 -0.69
C ILE D 122 25.49 16.66 -2.17
N ALA D 123 26.29 15.85 -2.87
CA ALA D 123 26.21 15.80 -4.33
C ALA D 123 25.07 14.96 -4.86
N SER D 124 24.39 14.22 -3.98
CA SER D 124 23.29 13.34 -4.39
C SER D 124 21.98 14.08 -4.72
N VAL D 125 21.92 15.38 -4.42
CA VAL D 125 20.77 16.23 -4.76
C VAL D 125 21.24 17.51 -5.45
N SER D 126 20.38 18.12 -6.28
CA SER D 126 20.80 19.32 -7.03
C SER D 126 19.98 20.55 -6.69
N ASP D 127 18.89 20.34 -5.96
CA ASP D 127 18.03 21.42 -5.46
C ASP D 127 17.29 20.90 -4.21
N VAL D 128 16.82 21.81 -3.39
CA VAL D 128 16.02 21.51 -2.20
C VAL D 128 15.01 22.64 -2.05
N LYS D 129 13.78 22.33 -1.65
CA LYS D 129 12.71 23.33 -1.57
C LYS D 129 11.56 22.92 -0.63
N TRP D 130 10.96 23.89 0.06
CA TRP D 130 9.67 23.67 0.74
C TRP D 130 8.52 23.91 -0.24
N TRP D 131 7.86 22.83 -0.68
CA TRP D 131 6.80 22.90 -1.71
C TRP D 131 5.41 22.98 -1.12
N PRO D 132 4.57 23.90 -1.65
CA PRO D 132 3.18 23.90 -1.28
C PRO D 132 2.59 22.57 -1.65
N LEU D 133 1.85 22.00 -0.71
CA LEU D 133 1.44 20.64 -0.85
C LEU D 133 0.49 20.49 -2.03
N ALA D 134 -0.31 21.52 -2.33
CA ALA D 134 -1.14 21.45 -3.55
C ALA D 134 -0.33 21.37 -4.83
N ASP D 135 0.86 21.98 -4.86
CA ASP D 135 1.74 21.91 -6.05
C ASP D 135 2.30 20.51 -6.26
N VAL D 136 2.67 19.83 -5.17
CA VAL D 136 3.26 18.49 -5.16
C VAL D 136 2.38 17.48 -5.93
N LEU D 137 1.07 17.63 -5.83
CA LEU D 137 0.11 16.71 -6.45
C LEU D 137 0.18 16.67 -7.97
N GLN D 138 0.67 17.76 -8.57
CA GLN D 138 0.79 17.89 -10.01
C GLN D 138 2.19 17.44 -10.47
N MET D 139 2.97 16.84 -9.57
CA MET D 139 4.34 16.41 -9.91
C MET D 139 4.46 14.91 -9.72
N PRO D 140 5.26 14.25 -10.59
CA PRO D 140 5.66 12.87 -10.30
C PRO D 140 6.79 12.90 -9.28
N LEU D 141 6.61 12.19 -8.18
CA LEU D 141 7.61 12.15 -7.15
C LEU D 141 8.31 10.83 -7.27
N ALA D 142 9.52 10.77 -6.75
CA ALA D 142 10.31 9.56 -6.75
C ALA D 142 9.64 8.39 -5.97
N PHE D 143 9.79 7.18 -6.49
CA PHE D 143 9.36 5.97 -5.77
C PHE D 143 7.89 6.09 -5.37
N ASP D 144 7.61 5.78 -4.12
CA ASP D 144 6.28 5.85 -3.54
C ASP D 144 6.17 7.01 -2.56
N HIS D 145 6.98 8.04 -2.79
CA HIS D 145 7.10 9.14 -1.88
C HIS D 145 5.84 9.96 -1.75
N LEU D 146 5.04 10.05 -2.80
CA LEU D 146 3.78 10.74 -2.60
C LEU D 146 2.87 10.00 -1.61
N GLN D 147 2.85 8.67 -1.66
CA GLN D 147 2.06 7.88 -0.71
C GLN D 147 2.55 8.09 0.75
N LEU D 148 3.86 8.06 0.94
CA LEU D 148 4.44 8.38 2.25
C LEU D 148 4.03 9.80 2.73
N ILE D 149 4.06 10.76 1.82
CA ILE D 149 3.65 12.12 2.14
C ILE D 149 2.16 12.17 2.50
N GLU D 150 1.34 11.48 1.71
CA GLU D 150 -0.09 11.52 1.98
C GLU D 150 -0.37 10.81 3.30
N GLN D 151 0.32 9.71 3.53
CA GLN D 151 0.18 9.04 4.81
C GLN D 151 0.56 9.98 6.00
N ALA D 152 1.67 10.73 5.87
CA ALA D 152 2.07 11.69 6.89
C ALA D 152 1.08 12.84 7.01
N ARG D 153 0.55 13.28 5.87
CA ARG D 153 -0.39 14.38 5.89
C ARG D 153 -1.69 13.99 6.61
N GLU D 154 -2.25 12.82 6.31
CA GLU D 154 -3.49 12.38 6.95
C GLU D 154 -3.32 12.23 8.47
N ARG D 155 -2.13 11.83 8.91
CA ARG D 155 -1.87 11.65 10.32
C ARG D 155 -2.04 12.93 11.12
N LEU D 156 -1.84 14.08 10.47
CA LEU D 156 -2.02 15.35 11.13
C LEU D 156 -3.44 15.48 11.69
N THR D 157 -4.41 14.79 11.09
CA THR D 157 -5.82 14.84 11.49
C THR D 157 -6.38 13.51 12.03
N1 APR E . -8.55 9.33 -21.31
C2 APR E . -7.75 10.35 -20.91
N3 APR E . -8.06 11.64 -21.13
C4 APR E . -9.22 11.97 -21.76
C5 APR E . -10.14 10.90 -22.20
C6 APR E . -9.73 9.52 -21.95
N6 APR E . -10.54 8.50 -22.35
N7 APR E . -11.18 11.49 -22.78
C8 APR E . -10.99 12.83 -22.72
N9 APR E . -9.81 13.12 -22.13
C1' APR E . -9.27 14.46 -21.88
C2' APR E . -9.62 15.41 -23.02
O2' APR E . -8.54 16.36 -23.17
C3' APR E . -10.82 16.17 -22.52
O3' APR E . -10.89 17.49 -23.06
O4' APR E . -9.84 15.01 -20.71
C4' APR E . -10.60 16.18 -21.01
C5' APR E . -11.86 16.08 -20.20
O5' APR E . -11.46 16.30 -18.85
PA APR E . -12.63 16.43 -17.75
O1A APR E . -13.66 17.44 -18.20
O2A APR E . -11.93 16.58 -16.43
O3A APR E . -13.16 14.91 -17.92
PB APR E . -14.68 14.48 -17.62
O1B APR E . -15.49 14.66 -18.86
O2B APR E . -14.98 15.15 -16.31
O5D APR E . -14.65 12.88 -17.44
C5D APR E . -14.49 12.31 -16.14
O4D APR E . -16.36 10.82 -16.43
O1D APR E . -17.29 8.69 -16.18
C1D APR E . -17.26 10.02 -15.68
O2D APR E . -17.85 10.09 -13.36
C2D APR E . -16.73 10.09 -14.26
O3D APR E . -16.51 12.40 -13.41
C3D APR E . -15.89 11.37 -14.20
C4D APR E . -15.86 11.89 -15.63
N1 APR F . -6.51 -5.90 -22.07
C2 APR F . -7.33 -6.92 -22.40
N3 APR F . -6.89 -8.16 -22.56
C4 APR F . -5.59 -8.45 -22.39
C5 APR F . -4.62 -7.40 -22.02
C6 APR F . -5.19 -6.06 -21.87
N6 APR F . -4.42 -5.01 -21.55
N7 APR F . -3.40 -7.97 -21.92
C8 APR F . -3.58 -9.29 -22.19
N9 APR F . -4.89 -9.57 -22.47
C1' APR F . -5.50 -10.87 -22.86
C2' APR F . -4.44 -11.61 -23.66
O2' APR F . -5.07 -12.54 -24.53
C3' APR F . -3.72 -12.41 -22.59
O3' APR F . -3.16 -13.57 -23.16
O4' APR F . -5.78 -11.67 -21.72
C4' APR F . -4.87 -12.75 -21.66
C5' APR F . -4.41 -12.86 -20.24
O5' APR F . -5.47 -13.45 -19.50
PA APR F . -5.22 -13.77 -17.96
O1A APR F . -4.13 -14.77 -17.74
O2A APR F . -6.59 -14.02 -17.35
O3A APR F . -4.64 -12.33 -17.48
PB APR F . -3.70 -12.13 -16.21
O1B APR F . -2.25 -12.12 -16.58
O2B APR F . -4.04 -13.04 -15.05
O5D APR F . -4.07 -10.62 -15.82
C5D APR F . -5.03 -10.28 -14.81
O4D APR F . -3.45 -8.81 -13.71
O1D APR F . -2.85 -6.79 -12.56
C1D APR F . -3.25 -8.18 -12.44
O2D APR F . -4.43 -8.47 -10.32
C2D APR F . -4.59 -8.35 -11.74
O3D APR F . -5.23 -10.73 -11.48
C3D APR F . -5.20 -9.61 -12.38
C4D APR F . -4.29 -9.95 -13.54
N1 APR G . 19.87 -12.83 6.54
C2 APR G . 19.08 -13.86 6.16
N3 APR G . 19.05 -15.02 6.85
C4 APR G . 19.85 -15.20 7.93
C5 APR G . 20.74 -14.11 8.39
C6 APR G . 20.71 -12.88 7.61
N6 APR G . 21.48 -11.83 7.96
N7 APR G . 21.38 -14.52 9.47
C8 APR G . 20.98 -15.80 9.69
N9 APR G . 20.07 -16.20 8.78
C1' APR G . 19.41 -17.53 8.72
C2' APR G . 20.37 -18.64 9.16
O2' APR G . 20.18 -19.73 8.26
C3' APR G . 19.94 -18.99 10.55
O3' APR G . 20.10 -20.38 10.85
O4' APR G . 18.28 -17.59 9.58
C4' APR G . 18.46 -18.63 10.54
C5' APR G . 17.96 -18.17 11.90
O5' APR G . 16.54 -18.03 11.83
PA APR G . 15.83 -17.50 13.16
O1A APR G . 16.41 -18.33 14.30
O2A APR G . 14.32 -17.51 12.94
O3A APR G . 16.41 -16.02 13.25
PB APR G . 16.74 -15.33 14.62
O1B APR G . 18.11 -15.84 15.02
O2B APR G . 15.58 -15.44 15.54
O5D APR G . 16.93 -13.77 14.20
C5D APR G . 15.81 -12.88 14.15
O4D APR G . 17.04 -11.20 15.35
O1D APR G . 17.67 -9.00 15.87
C1D APR G . 16.80 -10.08 16.19
O2D APR G . 14.84 -9.10 17.13
C2D APR G . 15.35 -9.74 15.94
O3D APR G . 13.84 -11.56 16.63
C3D APR G . 14.69 -11.06 15.59
C4D APR G . 15.86 -12.02 15.40
N1 APR H . 23.49 0.39 0.50
C2 APR H . 24.29 1.40 0.85
N3 APR H . 24.65 2.36 -0.01
C4 APR H . 24.23 2.34 -1.29
C5 APR H . 23.35 1.26 -1.74
C6 APR H . 22.99 0.25 -0.74
N6 APR H . 22.18 -0.78 -1.06
N7 APR H . 23.07 1.48 -3.05
C8 APR H . 23.73 2.63 -3.38
N9 APR H . 24.41 3.13 -2.33
C1' APR H . 25.25 4.35 -2.28
C2' APR H . 25.88 4.56 -3.62
O2' APR H . 27.17 5.08 -3.33
C3' APR H . 24.96 5.58 -4.27
O3' APR H . 25.58 6.37 -5.30
O4' APR H . 24.43 5.50 -2.00
C4' APR H . 24.43 6.39 -3.12
C5' APR H . 23.02 6.93 -3.38
O5' APR H . 22.66 7.84 -2.34
PA APR H . 21.22 8.55 -2.39
O1A APR H . 21.06 9.28 -3.71
O2A APR H . 21.14 9.24 -1.05
O3A APR H . 20.23 7.29 -2.39
PB APR H . 18.80 7.21 -3.06
O1B APR H . 18.93 6.76 -4.49
O2B APR H . 18.03 8.45 -2.76
O5D APR H . 18.15 5.98 -2.24
C5D APR H . 17.42 6.21 -1.03
O4D APR H . 15.63 4.87 -1.85
O1D APR H . 14.02 3.24 -1.58
C1D APR H . 14.25 4.64 -1.64
O2D APR H . 12.56 5.70 -0.31
C2D APR H . 13.94 5.28 -0.30
O3D APR H . 14.30 7.69 -0.38
C3D APR H . 14.94 6.42 -0.20
C4D APR H . 15.93 6.18 -1.37
#